data_3AR5
#
_entry.id   3AR5
#
_cell.length_a   71.683
_cell.length_b   71.683
_cell.length_c   589.075
_cell.angle_alpha   90.00
_cell.angle_beta   90.00
_cell.angle_gamma   90.00
#
_symmetry.space_group_name_H-M   'P 41 21 2'
#
loop_
_entity.id
_entity.type
_entity.pdbx_description
1 polymer 'Sarcoplasmic/endoplasmic reticulum calcium ATPase 1'
2 non-polymer 'SODIUM ION'
3 non-polymer 'OCTANOIC ACID [3S-[3ALPHA, 3ABETA, 4ALPHA, 6BETA, 6ABETA, 7BETA, 8ALPHA(Z), 9BALPHA]]-6-(ACETYLOXY)-2,3,-3A,4,5,6,6A,7,8,9B-DECAHYDRO-3,3A-DIHYDROXY-3,6,9-TRIMETHYL-8-[(2-METHYL-1-OXO-2-BUTENYL)OX Y]-2-OXO-4-(1-OXOBUTOXY)-AZULENO[4,5-B]FURAN-7-YL ESTER'
4 non-polymer "2',3'-O-[(1r)-2,4,6-trinitrocyclohexa-2,5-diene-1,1-diyl]adenosine 5'-(dihydrogen phosphate)"
5 non-polymer PHOSPHATIDYLETHANOLAMINE
6 water water
#
_entity_poly.entity_id   1
_entity_poly.type   'polypeptide(L)'
_entity_poly.pdbx_seq_one_letter_code
;(ACE)MEAAHSKSTEECLAYFGVSETTGLTPDQVKRHLEKYGHNELPAEEGKSLWELVIEQFEDLLVRILLLAACISFVL
AWFEEGEETITAFVEPFVILLILIANAIVGVWQERNAENAIEALKEYEPEMGKVYRADRKSVQRIKARDIVPGDIVEVAV
GDKVPADIRILSIKSTTLRVDQSILTGESVSVIKHTEPVPDPRAVNQDKKNMLFSGTNIAAGKALGIVATTGVSTEIGKI
RDQMAATEQDKTPLQQKLDEFGEQLSKVISLICVAVWLINIGHFNDPVHGGSWIRGAIYYFKIAVALAVAAIPEGLPAVI
TTCLALGTRRMAKKNAIVRSLPSVETLGCTSVICSDKTGTLTTNQMSVCKMFIIDKVDGDFCSLNEFSITGSTYAPEGEV
LKNDKPIRSGQFDGLVELATICALCNDSSLDFNETKGVYEKVGEATETALTTLVEKMNVFNTEVRNLSKVERANACNSVI
RQLMKKEFTLEFSRDRKSMSVYCSPAKSSRAAVGNKMFVKGAPEGVIDRCNYVRVGTTRVPMTGPVKEKILSVIKEWGTG
RDTLRCLALATRDTPPKREEMVLDDSSRFMEYETDLTFVGVVGMLDPPRKEVMGSIQLCRDAGIRVIMITGDNKGTAIAI
CRRIGIFGENEEVADRAYTGREFDDLPLAEQREACRRACCFARVEPSHKSKIVEYLQSYDEITAMTGDGVNDAPALKKAE
IGIAMGSGTAVAKTASEMVLADDNFSTIVAAVEEGRAIYNNMKQFIRYLISSNVGEVVCIFLTAALGLPEALIPVQLLWV
NLVTDGLPATALGFNPPDLDIMDRPPRSPKEPLISGWLFFRYMAIGGYVGAATVGAAAWWFMYAEDGPGVTYHQLTHFMQ
CTEDHPHFEGLDCEIFEAPEPMTMALSVLVTIEMCNALNSLSENQSLMRMPPWVNIWLLGSICLSMSLHFLILYVDPLPM
IFKLKALDLTQWLMVLKISLPVIGLDEILKFIARNYLEG
;
_entity_poly.pdbx_strand_id   A
#
# COMPACT_ATOMS: atom_id res chain seq x y z
N MET A 2 30.30 17.07 -1.37
CA MET A 2 31.04 16.29 -0.37
C MET A 2 30.13 15.32 0.40
N GLU A 3 29.96 14.11 -0.09
CA GLU A 3 29.08 13.13 0.61
C GLU A 3 29.60 12.80 2.00
N ALA A 4 30.90 12.62 2.15
CA ALA A 4 31.46 12.18 3.44
C ALA A 4 31.74 13.33 4.46
N ALA A 5 31.09 14.48 4.26
CA ALA A 5 31.24 15.66 5.12
C ALA A 5 31.18 15.41 6.61
N HIS A 6 30.25 14.56 7.07
CA HIS A 6 30.07 14.32 8.51
C HIS A 6 31.36 13.80 9.16
N SER A 7 32.20 13.13 8.35
CA SER A 7 33.48 12.56 8.84
C SER A 7 34.66 13.47 8.69
N LYS A 8 34.45 14.65 8.12
CA LYS A 8 35.55 15.59 7.97
C LYS A 8 35.45 16.67 9.04
N SER A 9 36.57 17.33 9.33
CA SER A 9 36.54 18.40 10.29
C SER A 9 35.92 19.55 9.53
N THR A 10 35.55 20.58 10.28
CA THR A 10 35.07 21.82 9.73
C THR A 10 36.19 22.44 8.87
N GLU A 11 37.41 22.47 9.41
CA GLU A 11 38.56 22.94 8.66
C GLU A 11 38.65 22.19 7.30
N GLU A 12 38.60 20.86 7.35
CA GLU A 12 38.71 20.04 6.12
C GLU A 12 37.58 20.29 5.12
N CYS A 13 36.42 20.71 5.62
CA CYS A 13 35.30 20.94 4.73
C CYS A 13 35.48 22.28 4.01
N LEU A 14 35.94 23.28 4.78
CA LEU A 14 36.27 24.59 4.22
C LEU A 14 37.39 24.48 3.24
N ALA A 15 38.41 23.68 3.55
CA ALA A 15 39.58 23.50 2.65
C ALA A 15 39.14 22.86 1.32
N TYR A 16 38.30 21.84 1.40
CA TYR A 16 37.88 21.14 0.19
C TYR A 16 37.27 22.08 -0.84
N PHE A 17 36.40 22.99 -0.38
CA PHE A 17 35.70 23.89 -1.26
C PHE A 17 36.46 25.18 -1.50
N GLY A 18 37.59 25.37 -0.81
CA GLY A 18 38.42 26.58 -0.95
C GLY A 18 37.64 27.83 -0.54
N VAL A 19 36.88 27.73 0.54
CA VAL A 19 35.99 28.80 0.94
C VAL A 19 36.35 29.31 2.33
N SER A 20 36.23 30.62 2.49
CA SER A 20 36.42 31.21 3.79
C SER A 20 35.11 31.29 4.53
N GLU A 21 35.15 30.80 5.76
CA GLU A 21 33.99 30.84 6.62
C GLU A 21 33.42 32.25 6.82
N THR A 22 34.28 33.26 6.84
CA THR A 22 33.81 34.58 7.22
C THR A 22 33.35 35.38 6.01
N THR A 23 33.79 35.00 4.82
CA THR A 23 33.31 35.67 3.61
C THR A 23 32.27 34.86 2.83
N GLY A 24 32.53 33.55 2.69
CA GLY A 24 31.72 32.72 1.79
C GLY A 24 32.25 32.77 0.36
N LEU A 25 31.50 32.18 -0.56
CA LEU A 25 31.98 31.98 -1.92
C LEU A 25 32.05 33.26 -2.77
N THR A 26 33.07 33.33 -3.61
CA THR A 26 33.22 34.49 -4.52
C THR A 26 32.29 34.30 -5.71
N PRO A 27 32.07 35.36 -6.50
CA PRO A 27 31.07 35.15 -7.54
C PRO A 27 31.63 34.24 -8.63
N ASP A 28 32.95 34.24 -8.81
CA ASP A 28 33.54 33.25 -9.69
C ASP A 28 33.34 31.80 -9.16
N GLN A 29 33.41 31.65 -7.83
CA GLN A 29 33.19 30.35 -7.23
C GLN A 29 31.77 29.93 -7.48
N VAL A 30 30.82 30.85 -7.27
CA VAL A 30 29.42 30.55 -7.46
C VAL A 30 29.17 30.05 -8.87
N LYS A 31 29.60 30.83 -9.85
CA LYS A 31 29.44 30.44 -11.26
C LYS A 31 30.06 29.07 -11.59
N ARG A 32 31.24 28.79 -11.07
CA ARG A 32 31.90 27.51 -11.28
C ARG A 32 31.17 26.34 -10.57
N HIS A 33 30.74 26.54 -9.32
CA HIS A 33 30.06 25.54 -8.51
C HIS A 33 28.67 25.24 -9.08
N LEU A 34 28.01 26.27 -9.60
CA LEU A 34 26.70 26.14 -10.23
C LEU A 34 26.80 25.31 -11.50
N GLU A 35 27.83 25.57 -12.28
CA GLU A 35 28.10 24.77 -13.45
C GLU A 35 28.53 23.33 -13.12
N LYS A 36 29.26 23.11 -12.04
CA LYS A 36 29.73 21.77 -11.74
C LYS A 36 28.60 20.93 -11.13
N TYR A 37 27.87 21.51 -10.18
CA TYR A 37 26.93 20.74 -9.35
C TYR A 37 25.47 20.88 -9.77
N GLY A 38 25.17 21.77 -10.70
CA GLY A 38 23.79 22.01 -11.10
C GLY A 38 23.08 22.82 -10.05
N HIS A 39 21.80 23.14 -10.28
CA HIS A 39 21.02 23.87 -9.30
C HIS A 39 20.60 22.94 -8.12
N ASN A 40 20.24 23.54 -6.98
CA ASN A 40 19.83 22.79 -5.79
C ASN A 40 18.34 22.50 -5.86
N GLU A 41 18.03 21.45 -6.60
CA GLU A 41 16.64 21.01 -6.75
C GLU A 41 16.53 19.64 -7.39
N LEU A 42 15.45 18.95 -7.05
CA LEU A 42 15.11 17.68 -7.69
C LEU A 42 14.61 17.95 -9.10
N PRO A 43 15.00 17.09 -10.07
CA PRO A 43 14.54 17.31 -11.44
C PRO A 43 13.03 17.38 -11.55
N ALA A 44 12.54 18.19 -12.49
CA ALA A 44 11.11 18.38 -12.68
C ALA A 44 10.47 17.11 -13.25
N GLU A 45 9.17 16.96 -13.05
CA GLU A 45 8.44 15.85 -13.66
C GLU A 45 8.41 15.96 -15.20
N GLU A 46 8.45 14.81 -15.87
CA GLU A 46 8.19 14.73 -17.31
C GLU A 46 6.86 15.43 -17.66
N GLY A 47 6.92 16.42 -18.54
CA GLY A 47 5.69 17.06 -19.04
C GLY A 47 4.96 16.08 -19.95
N LYS A 48 3.92 15.45 -19.42
CA LYS A 48 3.09 14.55 -20.22
C LYS A 48 1.87 15.33 -20.77
N SER A 49 1.93 15.68 -22.06
CA SER A 49 0.91 16.53 -22.73
C SER A 49 -0.45 15.86 -22.95
N LEU A 50 -1.47 16.67 -23.21
CA LEU A 50 -2.84 16.20 -23.45
C LEU A 50 -2.93 15.36 -24.72
N TRP A 51 -2.32 15.85 -25.79
CA TRP A 51 -2.28 15.11 -27.05
C TRP A 51 -1.51 13.80 -26.87
N GLU A 52 -0.33 13.88 -26.23
CA GLU A 52 0.46 12.69 -25.91
C GLU A 52 -0.30 11.71 -25.02
N LEU A 53 -1.30 12.21 -24.30
CA LEU A 53 -2.10 11.40 -23.39
C LEU A 53 -3.37 10.86 -24.02
N VAL A 54 -3.99 11.64 -24.90
CA VAL A 54 -5.15 11.16 -25.67
C VAL A 54 -4.73 9.98 -26.55
N ILE A 55 -3.55 10.07 -27.15
CA ILE A 55 -2.98 9.00 -27.98
C ILE A 55 -2.72 7.70 -27.20
N GLU A 56 -2.24 7.81 -25.96
CA GLU A 56 -2.01 6.64 -25.10
C GLU A 56 -3.28 5.82 -24.90
N GLN A 57 -4.42 6.49 -24.89
CA GLN A 57 -5.70 5.80 -24.79
C GLN A 57 -5.86 4.84 -25.98
N PHE A 58 -5.35 5.24 -27.15
CA PHE A 58 -5.43 4.47 -28.38
C PHE A 58 -4.24 3.54 -28.62
N GLU A 59 -3.58 3.11 -27.56
CA GLU A 59 -2.44 2.19 -27.68
C GLU A 59 -2.83 0.75 -27.38
N ASP A 60 -3.88 0.58 -26.57
CA ASP A 60 -4.42 -0.74 -26.24
C ASP A 60 -4.87 -1.47 -27.49
N LEU A 61 -4.40 -2.70 -27.66
CA LEU A 61 -4.63 -3.46 -28.88
C LEU A 61 -6.12 -3.58 -29.26
N LEU A 62 -6.97 -3.82 -28.27
CA LEU A 62 -8.38 -4.03 -28.53
C LEU A 62 -9.08 -2.74 -28.94
N VAL A 63 -8.61 -1.62 -28.38
CA VAL A 63 -9.18 -0.34 -28.80
C VAL A 63 -8.73 0.00 -30.23
N ARG A 64 -7.56 -0.52 -30.62
CA ARG A 64 -7.06 -0.36 -31.99
C ARG A 64 -7.97 -1.10 -32.97
N ILE A 65 -8.24 -2.36 -32.66
CA ILE A 65 -9.17 -3.16 -33.45
C ILE A 65 -10.52 -2.42 -33.57
N LEU A 66 -11.03 -1.93 -32.45
CA LEU A 66 -12.30 -1.19 -32.44
C LEU A 66 -12.24 0.05 -33.31
N LEU A 67 -11.08 0.70 -33.33
CA LEU A 67 -10.90 1.88 -34.16
C LEU A 67 -10.86 1.50 -35.62
N LEU A 68 -10.19 0.39 -35.93
CA LEU A 68 -10.15 -0.07 -37.31
C LEU A 68 -11.56 -0.38 -37.77
N ALA A 69 -12.30 -1.07 -36.90
CA ALA A 69 -13.66 -1.43 -37.18
C ALA A 69 -14.53 -0.20 -37.38
N ALA A 70 -14.26 0.86 -36.61
CA ALA A 70 -15.00 2.10 -36.74
C ALA A 70 -14.81 2.68 -38.13
N CYS A 71 -13.58 2.58 -38.65
CA CYS A 71 -13.25 3.15 -39.94
C CYS A 71 -13.87 2.37 -41.07
N ILE A 72 -13.90 1.05 -40.95
CA ILE A 72 -14.57 0.22 -41.95
C ILE A 72 -16.08 0.47 -41.89
N SER A 73 -16.61 0.60 -40.68
CA SER A 73 -18.02 0.93 -40.49
C SER A 73 -18.37 2.31 -41.03
N PHE A 74 -17.46 3.27 -40.86
CA PHE A 74 -17.68 4.60 -41.38
C PHE A 74 -17.59 4.55 -42.89
N VAL A 75 -16.56 3.90 -43.41
CA VAL A 75 -16.37 3.76 -44.86
C VAL A 75 -17.56 3.05 -45.52
N LEU A 76 -18.14 2.10 -44.81
CA LEU A 76 -19.31 1.39 -45.32
C LEU A 76 -20.58 2.25 -45.25
N ALA A 77 -20.72 3.04 -44.18
CA ALA A 77 -21.86 3.94 -44.06
C ALA A 77 -21.93 4.90 -45.26
N TRP A 78 -20.77 5.24 -45.81
CA TRP A 78 -20.67 6.09 -47.01
C TRP A 78 -21.04 5.28 -48.27
N PHE A 79 -20.12 4.44 -48.75
CA PHE A 79 -20.32 3.65 -49.98
C PHE A 79 -21.42 2.59 -49.81
N GLU A 80 -22.68 3.02 -49.85
CA GLU A 80 -23.84 2.16 -49.55
C GLU A 80 -24.98 2.19 -50.58
N GLU A 81 -26.01 1.35 -50.36
CA GLU A 81 -27.22 1.26 -51.22
C GLU A 81 -28.59 1.06 -50.51
N GLY A 82 -29.13 2.15 -49.99
CA GLY A 82 -30.50 2.22 -49.46
C GLY A 82 -30.98 3.64 -49.72
N GLU A 83 -31.55 4.28 -48.71
CA GLU A 83 -31.89 5.70 -48.78
C GLU A 83 -31.95 6.41 -47.41
N GLU A 84 -32.09 5.64 -46.34
CA GLU A 84 -32.25 6.18 -44.98
C GLU A 84 -30.94 6.82 -44.47
N THR A 85 -30.96 8.15 -44.34
CA THR A 85 -29.76 8.95 -43.99
C THR A 85 -29.38 8.95 -42.50
N ILE A 86 -30.38 8.79 -41.63
CA ILE A 86 -30.15 8.74 -40.18
C ILE A 86 -29.65 7.37 -39.73
N THR A 87 -30.26 6.31 -40.28
CA THR A 87 -30.01 4.92 -39.85
C THR A 87 -28.60 4.38 -40.17
N ALA A 88 -27.89 5.03 -41.09
CA ALA A 88 -26.58 4.55 -41.57
C ALA A 88 -25.41 4.90 -40.65
N PHE A 89 -25.22 6.19 -40.39
CA PHE A 89 -24.06 6.66 -39.64
C PHE A 89 -24.18 6.48 -38.12
N VAL A 90 -25.19 5.73 -37.71
CA VAL A 90 -25.44 5.42 -36.31
C VAL A 90 -24.33 4.49 -35.79
N GLU A 91 -24.16 3.36 -36.47
CA GLU A 91 -23.18 2.36 -36.11
C GLU A 91 -21.78 2.94 -35.81
N PRO A 92 -21.17 3.67 -36.78
CA PRO A 92 -19.83 4.22 -36.56
C PRO A 92 -19.76 5.31 -35.50
N PHE A 93 -20.88 5.99 -35.25
CA PHE A 93 -20.91 7.00 -34.21
C PHE A 93 -20.82 6.36 -32.82
N VAL A 94 -21.53 5.24 -32.63
CA VAL A 94 -21.55 4.51 -31.36
C VAL A 94 -20.13 4.07 -30.93
N ILE A 95 -19.47 3.36 -31.83
CA ILE A 95 -18.10 2.87 -31.63
C ILE A 95 -17.17 4.03 -31.32
N LEU A 96 -17.26 5.06 -32.16
CA LEU A 96 -16.48 6.27 -32.04
C LEU A 96 -16.70 6.92 -30.67
N LEU A 97 -17.97 6.99 -30.28
CA LEU A 97 -18.37 7.56 -28.99
C LEU A 97 -17.84 6.75 -27.81
N ILE A 98 -17.87 5.43 -27.96
CA ILE A 98 -17.32 4.53 -26.94
C ILE A 98 -15.82 4.77 -26.79
N LEU A 99 -15.12 4.85 -27.91
CA LEU A 99 -13.70 5.15 -27.89
C LEU A 99 -13.45 6.52 -27.27
N ILE A 100 -14.31 7.50 -27.57
CA ILE A 100 -14.14 8.86 -27.00
C ILE A 100 -14.43 8.96 -25.50
N ALA A 101 -15.57 8.41 -25.06
CA ALA A 101 -15.88 8.34 -23.62
C ALA A 101 -14.76 7.64 -22.85
N ASN A 102 -14.23 6.57 -23.45
CA ASN A 102 -13.09 5.84 -22.93
C ASN A 102 -11.88 6.76 -22.73
N ALA A 103 -11.57 7.54 -23.77
CA ALA A 103 -10.48 8.49 -23.72
C ALA A 103 -10.73 9.57 -22.67
N ILE A 104 -11.94 10.10 -22.62
CA ILE A 104 -12.29 11.12 -21.63
C ILE A 104 -11.90 10.63 -20.23
N VAL A 105 -12.30 9.40 -19.92
CA VAL A 105 -12.03 8.81 -18.60
C VAL A 105 -10.53 8.60 -18.34
N GLY A 106 -9.83 7.97 -19.28
CA GLY A 106 -8.38 7.77 -19.14
C GLY A 106 -7.65 9.05 -18.76
N VAL A 107 -8.12 10.16 -19.34
CA VAL A 107 -7.59 11.51 -19.11
C VAL A 107 -7.99 12.08 -17.73
N TRP A 108 -9.25 11.88 -17.32
CA TRP A 108 -9.74 12.28 -15.99
C TRP A 108 -8.81 11.76 -14.90
N GLN A 109 -8.40 10.50 -15.08
CA GLN A 109 -7.61 9.78 -14.08
C GLN A 109 -6.18 10.27 -13.99
N GLU A 110 -5.66 10.82 -15.09
CA GLU A 110 -4.31 11.39 -15.10
C GLU A 110 -4.21 12.81 -14.54
N ARG A 111 -5.18 13.70 -14.83
CA ARG A 111 -5.16 15.07 -14.23
C ARG A 111 -5.35 14.99 -12.71
N ASN A 112 -5.99 13.92 -12.25
CA ASN A 112 -6.22 13.67 -10.82
C ASN A 112 -5.21 12.72 -10.18
N ALA A 113 -4.36 12.10 -10.98
CA ALA A 113 -3.28 11.29 -10.45
C ALA A 113 -2.30 12.17 -9.68
N GLU A 114 -1.80 11.65 -8.56
CA GLU A 114 -0.84 12.36 -7.71
C GLU A 114 0.38 11.48 -7.54
N ASN A 115 1.57 12.01 -7.84
CA ASN A 115 2.74 11.15 -7.71
C ASN A 115 3.71 11.45 -6.56
N ALA A 116 4.32 10.37 -6.06
CA ALA A 116 5.10 10.37 -4.84
C ALA A 116 6.32 11.28 -4.94
N ILE A 117 7.06 11.12 -6.04
CA ILE A 117 8.22 11.97 -6.35
C ILE A 117 7.88 13.47 -6.30
N GLU A 118 6.71 13.83 -6.81
CA GLU A 118 6.26 15.22 -6.77
C GLU A 118 5.88 15.68 -5.39
N ALA A 119 5.54 14.77 -4.49
CA ALA A 119 5.18 15.16 -3.12
C ALA A 119 6.41 15.53 -2.27
N LEU A 120 7.56 14.95 -2.61
CA LEU A 120 8.84 15.25 -1.94
C LEU A 120 9.16 16.71 -2.01
N LYS A 121 8.64 17.39 -3.04
CA LYS A 121 8.93 18.80 -3.31
C LYS A 121 8.34 19.74 -2.27
N GLU A 122 7.37 19.24 -1.52
CA GLU A 122 6.87 19.92 -0.34
C GLU A 122 8.02 20.25 0.63
N TYR A 123 9.11 19.49 0.54
CA TYR A 123 10.20 19.62 1.49
C TYR A 123 11.36 20.48 1.04
N GLU A 124 11.26 21.06 -0.15
CA GLU A 124 12.23 22.09 -0.56
C GLU A 124 11.65 23.50 -0.34
N PRO A 125 12.33 24.32 0.46
CA PRO A 125 11.84 25.66 0.76
C PRO A 125 12.18 26.58 -0.40
N GLU A 126 11.49 27.71 -0.52
CA GLU A 126 11.75 28.59 -1.64
C GLU A 126 13.08 29.33 -1.42
N MET A 127 13.36 29.68 -0.17
CA MET A 127 14.50 30.53 0.15
C MET A 127 15.44 29.92 1.17
N GLY A 128 16.67 30.40 1.18
CA GLY A 128 17.63 30.13 2.21
C GLY A 128 18.55 31.33 2.34
N LYS A 129 19.36 31.30 3.39
CA LYS A 129 20.24 32.39 3.71
C LYS A 129 21.70 31.97 3.55
N VAL A 130 22.47 32.76 2.78
CA VAL A 130 23.92 32.55 2.63
C VAL A 130 24.77 33.80 2.90
N TYR A 131 26.03 33.59 3.26
CA TYR A 131 27.04 34.63 3.24
C TYR A 131 27.93 34.37 2.01
N ARG A 132 27.98 35.34 1.11
CA ARG A 132 28.85 35.33 -0.07
C ARG A 132 29.77 36.57 -0.10
N ALA A 133 30.97 36.40 -0.63
CA ALA A 133 32.01 37.45 -0.67
C ALA A 133 31.57 38.83 -1.18
N ASP A 134 30.63 38.87 -2.13
CA ASP A 134 30.19 40.12 -2.74
C ASP A 134 29.41 41.08 -1.83
N ARG A 135 29.05 40.64 -0.61
CA ARG A 135 28.33 41.48 0.37
C ARG A 135 28.65 41.08 1.81
N LYS A 136 28.59 42.04 2.72
CA LYS A 136 28.92 41.76 4.12
C LYS A 136 27.80 40.99 4.82
N SER A 137 26.57 41.46 4.66
CA SER A 137 25.45 40.96 5.44
C SER A 137 24.87 39.68 4.81
N VAL A 138 24.15 38.91 5.62
CA VAL A 138 23.53 37.64 5.17
C VAL A 138 22.49 37.93 4.10
N GLN A 139 22.59 37.23 2.97
CA GLN A 139 21.64 37.44 1.86
C GLN A 139 20.67 36.29 1.63
N ARG A 140 19.37 36.60 1.63
CA ARG A 140 18.36 35.60 1.38
C ARG A 140 18.18 35.40 -0.12
N ILE A 141 18.51 34.19 -0.56
CA ILE A 141 18.35 33.80 -1.96
C ILE A 141 17.44 32.60 -2.15
N LYS A 142 17.14 32.29 -3.40
CA LYS A 142 16.32 31.15 -3.71
C LYS A 142 17.11 29.88 -3.45
N ALA A 143 16.47 28.96 -2.74
CA ALA A 143 17.04 27.66 -2.43
C ALA A 143 17.75 27.08 -3.62
N ARG A 144 17.10 27.13 -4.77
CA ARG A 144 17.63 26.54 -5.99
C ARG A 144 19.00 27.09 -6.45
N ASP A 145 19.34 28.29 -6.02
CA ASP A 145 20.64 28.90 -6.40
C ASP A 145 21.77 28.67 -5.38
N ILE A 146 21.44 28.00 -4.27
CA ILE A 146 22.46 27.55 -3.36
C ILE A 146 23.30 26.39 -4.00
N VAL A 147 24.60 26.38 -3.72
CA VAL A 147 25.48 25.34 -4.21
C VAL A 147 26.30 24.80 -3.05
N PRO A 148 26.92 23.64 -3.25
CA PRO A 148 27.87 23.08 -2.28
C PRO A 148 29.00 24.08 -2.03
N GLY A 149 29.56 24.13 -0.82
CA GLY A 149 30.57 25.09 -0.55
C GLY A 149 29.99 26.39 0.01
N ASP A 150 28.72 26.68 -0.30
CA ASP A 150 28.04 27.85 0.30
C ASP A 150 28.10 27.90 1.84
N ILE A 151 28.37 29.07 2.37
CA ILE A 151 28.24 29.29 3.78
C ILE A 151 26.79 29.63 4.00
N VAL A 152 26.07 28.79 4.73
CA VAL A 152 24.66 29.06 4.96
C VAL A 152 24.39 29.23 6.43
N GLU A 153 23.30 29.94 6.71
CA GLU A 153 22.87 30.24 8.06
C GLU A 153 21.45 29.75 8.21
N VAL A 154 21.19 29.02 9.29
CA VAL A 154 19.83 28.62 9.63
C VAL A 154 19.39 29.11 11.05
N ALA A 155 18.09 29.30 11.20
CA ALA A 155 17.54 29.69 12.49
C ALA A 155 16.21 29.00 12.76
N VAL A 156 15.81 29.00 14.02
CA VAL A 156 14.57 28.38 14.50
C VAL A 156 13.39 28.67 13.58
N GLY A 157 12.69 27.62 13.18
CA GLY A 157 11.55 27.71 12.26
C GLY A 157 11.94 27.55 10.80
N ASP A 158 13.22 27.62 10.52
CA ASP A 158 13.69 27.47 9.14
C ASP A 158 13.54 26.04 8.64
N LYS A 159 13.17 25.93 7.37
CA LYS A 159 13.30 24.66 6.69
C LYS A 159 14.72 24.52 6.10
N VAL A 160 15.45 23.48 6.51
CA VAL A 160 16.81 23.23 5.98
C VAL A 160 16.79 23.12 4.45
N PRO A 161 17.61 23.93 3.75
CA PRO A 161 17.58 24.05 2.29
C PRO A 161 18.54 23.12 1.50
N ALA A 162 19.54 22.54 2.16
CA ALA A 162 20.47 21.61 1.50
C ALA A 162 21.06 20.75 2.59
N ASP A 163 21.87 19.76 2.20
CA ASP A 163 22.58 18.95 3.20
C ASP A 163 23.83 19.71 3.61
N ILE A 164 23.87 20.13 4.87
CA ILE A 164 24.85 21.11 5.36
C ILE A 164 25.69 20.54 6.49
N ARG A 165 26.98 20.78 6.44
CA ARG A 165 27.85 20.35 7.54
C ARG A 165 27.88 21.53 8.49
N ILE A 166 27.52 21.33 9.75
CA ILE A 166 27.46 22.44 10.71
C ILE A 166 28.86 22.91 11.05
N LEU A 167 29.10 24.22 10.85
CA LEU A 167 30.38 24.85 11.16
C LEU A 167 30.43 25.41 12.58
N SER A 168 29.37 26.10 12.99
CA SER A 168 29.33 26.86 14.26
C SER A 168 27.89 27.00 14.75
N ILE A 169 27.66 26.63 15.99
CA ILE A 169 26.33 26.81 16.59
C ILE A 169 26.31 28.07 17.45
N LYS A 170 25.49 29.03 17.03
CA LYS A 170 25.55 30.41 17.56
C LYS A 170 24.70 30.57 18.83
N SER A 171 23.84 29.60 19.08
CA SER A 171 23.00 29.56 20.25
C SER A 171 23.58 28.57 21.26
N THR A 172 22.87 28.35 22.36
CA THR A 172 23.32 27.43 23.39
C THR A 172 23.23 25.98 22.92
N THR A 173 22.09 25.61 22.32
CA THR A 173 21.98 24.37 21.59
C THR A 173 21.34 24.58 20.23
N LEU A 174 21.55 23.62 19.34
CA LEU A 174 20.81 23.53 18.10
C LEU A 174 19.98 22.26 18.10
N ARG A 175 18.66 22.44 18.02
CA ARG A 175 17.69 21.33 18.07
C ARG A 175 17.02 21.28 16.71
N VAL A 176 16.83 20.08 16.17
CA VAL A 176 16.33 19.93 14.80
C VAL A 176 15.23 18.87 14.74
N ASP A 177 14.17 19.18 13.99
CA ASP A 177 13.10 18.21 13.71
C ASP A 177 13.40 17.41 12.44
N GLN A 178 13.79 16.17 12.64
CA GLN A 178 14.23 15.29 11.56
C GLN A 178 13.27 14.13 11.36
N SER A 179 12.17 14.13 12.10
CA SER A 179 11.20 13.00 12.10
C SER A 179 10.96 12.38 10.72
N ILE A 180 10.84 13.23 9.71
CA ILE A 180 10.54 12.78 8.37
C ILE A 180 11.61 11.85 7.79
N LEU A 181 12.86 12.02 8.21
CA LEU A 181 13.98 11.27 7.65
C LEU A 181 14.50 10.11 8.50
N THR A 182 14.37 10.22 9.81
CA THR A 182 14.98 9.29 10.73
C THR A 182 13.93 8.63 11.59
N GLY A 183 12.72 9.15 11.55
CA GLY A 183 11.71 8.71 12.51
C GLY A 183 12.01 9.05 13.97
N GLU A 184 12.97 9.95 14.20
CA GLU A 184 13.17 10.51 15.55
C GLU A 184 12.04 11.54 15.84
N SER A 185 11.22 11.29 16.86
CA SER A 185 10.04 12.13 17.11
C SER A 185 10.41 13.45 17.79
N VAL A 186 11.23 13.36 18.85
CA VAL A 186 11.76 14.50 19.57
C VAL A 186 12.83 15.18 18.71
N SER A 187 12.80 16.50 18.68
CA SER A 187 13.86 17.26 18.07
C SER A 187 15.22 16.82 18.64
N VAL A 188 16.21 16.70 17.76
CA VAL A 188 17.52 16.15 18.15
C VAL A 188 18.58 17.22 18.30
N ILE A 189 19.48 17.04 19.25
CA ILE A 189 20.60 17.99 19.43
C ILE A 189 21.66 17.72 18.34
N LYS A 190 22.28 18.81 17.85
CA LYS A 190 23.34 18.78 16.88
C LYS A 190 24.67 19.26 17.47
N HIS A 191 25.78 18.72 17.00
CA HIS A 191 27.13 19.21 17.37
C HIS A 191 27.98 19.56 16.13
N THR A 192 29.26 19.87 16.33
CA THR A 192 30.07 20.31 15.20
C THR A 192 31.31 19.42 14.96
N GLU A 193 31.60 18.49 15.87
CA GLU A 193 32.78 17.65 15.81
C GLU A 193 32.55 16.59 14.72
N PRO A 194 33.65 16.08 14.13
CA PRO A 194 33.52 15.00 13.14
C PRO A 194 32.90 13.75 13.71
N VAL A 195 32.18 13.02 12.86
CA VAL A 195 31.69 11.73 13.15
C VAL A 195 32.58 10.78 12.29
N PRO A 196 33.38 9.93 12.97
CA PRO A 196 34.47 9.18 12.28
C PRO A 196 34.04 8.13 11.23
N ASP A 197 32.93 7.43 11.45
CA ASP A 197 32.53 6.38 10.56
C ASP A 197 32.06 6.92 9.20
N PRO A 198 32.80 6.60 8.12
CA PRO A 198 32.46 7.19 6.83
C PRO A 198 31.13 6.65 6.34
N ARG A 199 30.68 5.54 6.93
CA ARG A 199 29.41 4.95 6.59
C ARG A 199 28.34 5.18 7.68
N ALA A 200 28.49 6.22 8.51
CA ALA A 200 27.48 6.46 9.55
C ALA A 200 26.07 6.56 8.95
N VAL A 201 25.09 6.00 9.64
CA VAL A 201 23.69 6.24 9.33
C VAL A 201 23.28 7.65 9.78
N ASN A 202 22.23 8.17 9.16
CA ASN A 202 21.86 9.55 9.24
C ASN A 202 21.64 10.01 10.68
N GLN A 203 21.15 9.11 11.50
CA GLN A 203 20.83 9.36 12.89
C GLN A 203 22.08 9.62 13.74
N ASP A 204 23.22 9.14 13.26
CA ASP A 204 24.50 9.36 13.91
C ASP A 204 25.19 10.58 13.37
N LYS A 205 24.66 11.16 12.31
CA LYS A 205 25.31 12.33 11.72
C LYS A 205 24.87 13.57 12.48
N LYS A 206 25.36 13.71 13.71
CA LYS A 206 24.91 14.76 14.60
C LYS A 206 25.52 16.10 14.25
N ASN A 207 26.43 16.13 13.27
CA ASN A 207 27.03 17.40 12.84
C ASN A 207 26.46 17.83 11.50
N MET A 208 25.38 17.16 11.06
CA MET A 208 24.81 17.44 9.74
C MET A 208 23.37 17.89 9.83
N LEU A 209 23.01 18.80 8.94
CA LEU A 209 21.62 19.18 8.79
C LEU A 209 21.10 18.68 7.46
N PHE A 210 19.96 18.01 7.44
CA PHE A 210 19.47 17.44 6.19
C PHE A 210 18.42 18.30 5.53
N SER A 211 18.55 18.47 4.22
CA SER A 211 17.63 19.25 3.43
C SER A 211 16.21 18.76 3.64
N GLY A 212 15.30 19.68 3.95
CA GLY A 212 13.92 19.28 4.09
C GLY A 212 13.48 19.16 5.53
N THR A 213 14.42 19.14 6.47
CA THR A 213 14.13 19.07 7.91
C THR A 213 14.00 20.50 8.46
N ASN A 214 13.68 20.64 9.75
CA ASN A 214 13.33 21.94 10.38
C ASN A 214 14.11 22.22 11.63
N ILE A 215 14.52 23.46 11.78
CA ILE A 215 15.17 23.90 12.99
C ILE A 215 14.11 24.08 14.07
N ALA A 216 14.22 23.30 15.14
CA ALA A 216 13.27 23.42 16.22
C ALA A 216 13.73 24.43 17.26
N ALA A 217 15.04 24.67 17.41
CA ALA A 217 15.55 25.63 18.38
C ALA A 217 16.97 26.03 17.99
N GLY A 218 17.30 27.30 18.17
CA GLY A 218 18.66 27.78 17.99
C GLY A 218 18.97 28.41 16.66
N LYS A 219 20.27 28.59 16.41
CA LYS A 219 20.79 29.27 15.23
C LYS A 219 22.17 28.71 14.93
N ALA A 220 22.48 28.47 13.66
CA ALA A 220 23.73 27.78 13.31
C ALA A 220 24.23 28.19 11.96
N LEU A 221 25.55 28.19 11.84
CA LEU A 221 26.21 28.42 10.60
C LEU A 221 26.74 27.06 10.11
N GLY A 222 26.70 26.89 8.81
CA GLY A 222 27.13 25.64 8.16
C GLY A 222 27.69 25.83 6.76
N ILE A 223 28.27 24.76 6.24
CA ILE A 223 28.76 24.73 4.87
C ILE A 223 28.00 23.66 4.08
N VAL A 224 27.55 24.04 2.89
CA VAL A 224 26.70 23.15 2.13
C VAL A 224 27.57 22.05 1.56
N ALA A 225 27.17 20.81 1.91
CA ALA A 225 27.90 19.61 1.51
C ALA A 225 27.42 19.09 0.17
N THR A 226 26.11 18.88 0.07
CA THR A 226 25.50 18.39 -1.14
C THR A 226 24.21 19.14 -1.43
N THR A 227 23.79 19.09 -2.68
CA THR A 227 22.55 19.70 -3.12
C THR A 227 21.82 18.76 -4.07
N GLY A 228 20.61 19.16 -4.46
CA GLY A 228 19.89 18.46 -5.54
C GLY A 228 19.63 16.98 -5.28
N VAL A 229 20.04 16.13 -6.21
CA VAL A 229 19.80 14.69 -6.09
C VAL A 229 20.80 13.98 -5.18
N SER A 230 21.79 14.72 -4.69
CA SER A 230 22.86 14.17 -3.87
C SER A 230 22.57 14.21 -2.40
N THR A 231 21.57 14.99 -1.97
CA THR A 231 21.23 15.09 -0.57
C THR A 231 20.55 13.78 -0.15
N GLU A 232 20.18 13.63 1.12
CA GLU A 232 19.62 12.35 1.58
C GLU A 232 18.26 12.12 0.95
N ILE A 233 17.53 13.21 0.77
CA ILE A 233 16.20 13.16 0.26
C ILE A 233 16.30 13.09 -1.25
N GLY A 234 17.37 13.64 -1.81
CA GLY A 234 17.59 13.49 -3.24
C GLY A 234 17.88 12.06 -3.65
N LYS A 235 18.70 11.37 -2.87
CA LYS A 235 18.96 9.94 -3.07
C LYS A 235 17.66 9.12 -2.87
N ILE A 236 16.78 9.56 -1.97
CA ILE A 236 15.51 8.86 -1.80
C ILE A 236 14.68 9.07 -3.07
N ARG A 237 14.77 10.27 -3.64
CA ARG A 237 14.04 10.57 -4.87
C ARG A 237 14.60 9.78 -6.04
N ASP A 238 15.90 9.60 -6.10
CA ASP A 238 16.47 8.74 -7.16
C ASP A 238 16.07 7.25 -7.01
N GLN A 239 16.06 6.70 -5.79
CA GLN A 239 15.67 5.29 -5.59
C GLN A 239 14.23 5.02 -6.05
N MET A 240 13.30 5.91 -5.71
CA MET A 240 11.92 5.86 -6.19
C MET A 240 11.80 5.98 -7.71
N ALA A 241 12.50 6.95 -8.29
CA ALA A 241 12.51 7.14 -9.73
C ALA A 241 12.88 5.83 -10.40
N ALA A 242 13.92 5.17 -9.90
CA ALA A 242 14.47 3.97 -10.55
C ALA A 242 13.66 2.68 -10.28
N THR A 243 12.65 2.76 -9.42
CA THR A 243 11.85 1.59 -9.09
C THR A 243 10.76 1.45 -10.15
N GLU A 244 10.77 0.33 -10.86
CA GLU A 244 9.73 0.06 -11.86
C GLU A 244 8.68 -0.90 -11.28
N GLN A 245 7.42 -0.45 -11.20
CA GLN A 245 6.36 -1.29 -10.66
C GLN A 245 5.70 -2.11 -11.77
N ASP A 246 5.32 -3.33 -11.42
CA ASP A 246 4.75 -4.22 -12.39
C ASP A 246 3.25 -4.04 -12.48
N LYS A 247 2.75 -4.36 -13.67
CA LYS A 247 1.34 -4.63 -13.86
C LYS A 247 0.86 -5.75 -12.91
N THR A 248 -0.33 -5.56 -12.33
CA THR A 248 -0.98 -6.57 -11.50
C THR A 248 -1.20 -7.82 -12.32
N PRO A 249 -1.38 -8.98 -11.65
CA PRO A 249 -1.61 -10.25 -12.36
C PRO A 249 -2.80 -10.21 -13.34
N LEU A 250 -3.88 -9.49 -12.99
CA LEU A 250 -5.05 -9.40 -13.85
C LEU A 250 -4.78 -8.49 -15.04
N GLN A 251 -4.03 -7.42 -14.82
CA GLN A 251 -3.62 -6.57 -15.93
C GLN A 251 -2.86 -7.41 -16.94
N GLN A 252 -1.94 -8.23 -16.45
CA GLN A 252 -1.12 -9.06 -17.31
C GLN A 252 -1.99 -10.06 -18.09
N LYS A 253 -2.96 -10.66 -17.42
CA LYS A 253 -3.87 -11.62 -18.05
C LYS A 253 -4.76 -10.95 -19.12
N LEU A 254 -5.26 -9.76 -18.80
CA LEU A 254 -6.06 -8.97 -19.74
C LEU A 254 -5.28 -8.62 -21.01
N ASP A 255 -4.01 -8.29 -20.87
CA ASP A 255 -3.15 -8.00 -22.03
C ASP A 255 -2.90 -9.26 -22.84
N GLU A 256 -2.68 -10.37 -22.16
CA GLU A 256 -2.45 -11.64 -22.80
C GLU A 256 -3.72 -12.05 -23.57
N PHE A 257 -4.88 -11.93 -22.91
CA PHE A 257 -6.18 -12.10 -23.56
C PHE A 257 -6.29 -11.26 -24.85
N GLY A 258 -5.98 -9.97 -24.75
CA GLY A 258 -5.98 -9.06 -25.91
C GLY A 258 -5.16 -9.56 -27.09
N GLU A 259 -3.92 -9.93 -26.83
CA GLU A 259 -2.99 -10.41 -27.86
C GLU A 259 -3.59 -11.58 -28.59
N GLN A 260 -4.01 -12.58 -27.81
CA GLN A 260 -4.60 -13.80 -28.33
C GLN A 260 -5.88 -13.54 -29.06
N LEU A 261 -6.74 -12.72 -28.47
CA LEU A 261 -8.04 -12.42 -29.09
C LEU A 261 -7.82 -11.81 -30.45
N SER A 262 -6.84 -10.94 -30.55
CA SER A 262 -6.52 -10.28 -31.79
C SER A 262 -5.99 -11.25 -32.83
N LYS A 263 -5.24 -12.25 -32.38
CA LYS A 263 -4.76 -13.30 -33.27
C LYS A 263 -5.95 -14.16 -33.73
N VAL A 264 -6.86 -14.47 -32.82
CA VAL A 264 -8.02 -15.28 -33.18
C VAL A 264 -8.86 -14.56 -34.23
N ILE A 265 -9.10 -13.28 -34.02
CA ILE A 265 -9.93 -12.51 -34.94
C ILE A 265 -9.38 -12.61 -36.35
N SER A 266 -8.09 -12.38 -36.54
CA SER A 266 -7.51 -12.40 -37.88
C SER A 266 -7.64 -13.80 -38.48
N LEU A 267 -7.44 -14.82 -37.64
CA LEU A 267 -7.59 -16.20 -38.06
C LEU A 267 -8.98 -16.51 -38.60
N ILE A 268 -10.00 -16.00 -37.92
CA ILE A 268 -11.38 -16.25 -38.34
C ILE A 268 -11.68 -15.55 -39.67
N CYS A 269 -11.09 -14.37 -39.87
CA CYS A 269 -11.21 -13.68 -41.15
C CYS A 269 -10.62 -14.52 -42.26
N VAL A 270 -9.42 -15.04 -42.02
CA VAL A 270 -8.77 -15.93 -42.98
C VAL A 270 -9.67 -17.14 -43.21
N ALA A 271 -10.24 -17.67 -42.14
CA ALA A 271 -11.16 -18.79 -42.25
C ALA A 271 -12.39 -18.48 -43.14
N VAL A 272 -13.04 -17.34 -42.90
CA VAL A 272 -14.20 -16.91 -43.68
C VAL A 272 -13.81 -16.68 -45.14
N TRP A 273 -12.57 -16.31 -45.38
CA TRP A 273 -12.05 -16.25 -46.72
C TRP A 273 -11.86 -17.65 -47.33
N LEU A 274 -11.16 -18.55 -46.64
CA LEU A 274 -10.96 -19.91 -47.14
C LEU A 274 -12.25 -20.66 -47.39
N ILE A 275 -13.30 -20.31 -46.66
CA ILE A 275 -14.56 -21.04 -46.73
C ILE A 275 -15.40 -20.63 -47.95
N ASN A 276 -15.18 -19.41 -48.44
CA ASN A 276 -15.87 -18.92 -49.61
C ASN A 276 -14.90 -18.80 -50.78
N ILE A 277 -13.92 -19.69 -50.83
CA ILE A 277 -12.92 -19.71 -51.91
C ILE A 277 -13.54 -20.18 -53.26
N GLY A 278 -14.69 -20.83 -53.21
CA GLY A 278 -15.39 -21.30 -54.41
C GLY A 278 -15.87 -20.17 -55.30
N HIS A 279 -15.93 -18.96 -54.74
CA HIS A 279 -16.28 -17.74 -55.47
C HIS A 279 -15.28 -17.39 -56.58
N PHE A 280 -14.08 -17.94 -56.50
CA PHE A 280 -13.10 -17.81 -57.59
C PHE A 280 -13.56 -18.62 -58.81
N ASN A 281 -14.50 -19.55 -58.60
CA ASN A 281 -15.11 -20.33 -59.68
C ASN A 281 -16.31 -19.67 -60.36
N ASP A 282 -16.79 -18.56 -59.81
CA ASP A 282 -17.94 -17.81 -60.37
C ASP A 282 -17.57 -17.10 -61.67
N PRO A 283 -18.48 -17.06 -62.66
CA PRO A 283 -18.18 -16.29 -63.87
C PRO A 283 -17.94 -14.83 -63.53
N VAL A 284 -16.88 -14.25 -64.09
CA VAL A 284 -16.51 -12.86 -63.80
C VAL A 284 -17.64 -11.91 -64.17
N HIS A 285 -18.42 -12.31 -65.18
CA HIS A 285 -19.59 -11.56 -65.64
C HIS A 285 -20.84 -11.89 -64.84
N GLY A 286 -21.55 -10.85 -64.45
CA GLY A 286 -22.70 -10.96 -63.57
C GLY A 286 -22.32 -10.83 -62.11
N GLY A 287 -23.23 -11.27 -61.24
CA GLY A 287 -23.08 -11.17 -59.79
C GLY A 287 -22.83 -9.75 -59.32
N SER A 288 -22.35 -9.62 -58.09
CA SER A 288 -21.89 -8.34 -57.61
C SER A 288 -20.70 -8.52 -56.68
N TRP A 289 -19.57 -7.98 -57.12
CA TRP A 289 -18.37 -7.98 -56.32
C TRP A 289 -18.54 -6.95 -55.25
N ILE A 290 -19.08 -5.80 -55.65
CA ILE A 290 -19.27 -4.70 -54.73
C ILE A 290 -20.16 -5.13 -53.55
N ARG A 291 -21.25 -5.86 -53.84
CA ARG A 291 -22.18 -6.30 -52.80
C ARG A 291 -21.70 -7.54 -52.03
N GLY A 292 -20.70 -8.23 -52.59
CA GLY A 292 -20.06 -9.34 -51.91
C GLY A 292 -18.98 -8.88 -50.96
N ALA A 293 -18.21 -7.87 -51.38
CA ALA A 293 -17.10 -7.32 -50.59
C ALA A 293 -17.63 -6.55 -49.38
N ILE A 294 -18.77 -5.90 -49.54
CA ILE A 294 -19.43 -5.22 -48.43
C ILE A 294 -19.86 -6.26 -47.39
N TYR A 295 -20.17 -7.46 -47.85
CA TYR A 295 -20.59 -8.55 -46.99
C TYR A 295 -19.47 -9.10 -46.10
N TYR A 296 -18.24 -9.16 -46.62
CA TYR A 296 -17.10 -9.65 -45.86
C TYR A 296 -16.62 -8.61 -44.88
N PHE A 297 -16.74 -7.34 -45.26
CA PHE A 297 -16.36 -6.24 -44.39
C PHE A 297 -17.42 -5.98 -43.33
N LYS A 298 -18.69 -6.20 -43.66
CA LYS A 298 -19.76 -6.09 -42.67
C LYS A 298 -19.49 -7.06 -41.54
N ILE A 299 -19.16 -8.31 -41.89
CA ILE A 299 -18.93 -9.34 -40.87
C ILE A 299 -17.61 -9.15 -40.11
N ALA A 300 -16.61 -8.55 -40.75
CA ALA A 300 -15.34 -8.34 -40.09
C ALA A 300 -15.62 -7.42 -38.92
N VAL A 301 -16.44 -6.40 -39.18
CA VAL A 301 -16.83 -5.42 -38.17
C VAL A 301 -17.61 -6.07 -37.05
N ALA A 302 -18.66 -6.81 -37.41
CA ALA A 302 -19.43 -7.53 -36.44
C ALA A 302 -18.55 -8.49 -35.63
N LEU A 303 -17.50 -9.02 -36.27
CA LEU A 303 -16.60 -9.97 -35.64
C LEU A 303 -15.81 -9.28 -34.55
N ALA A 304 -15.26 -8.12 -34.87
CA ALA A 304 -14.50 -7.30 -33.95
C ALA A 304 -15.38 -6.95 -32.77
N VAL A 305 -16.62 -6.55 -33.05
CA VAL A 305 -17.53 -6.11 -32.00
C VAL A 305 -17.99 -7.29 -31.14
N ALA A 306 -18.13 -8.46 -31.75
CA ALA A 306 -18.58 -9.65 -31.03
C ALA A 306 -17.47 -10.23 -30.15
N ALA A 307 -16.22 -9.93 -30.49
CA ALA A 307 -15.09 -10.52 -29.80
C ALA A 307 -14.71 -9.75 -28.54
N ILE A 308 -14.78 -8.43 -28.62
CA ILE A 308 -14.30 -7.61 -27.51
C ILE A 308 -15.38 -7.52 -26.45
N PRO A 309 -15.02 -7.77 -25.17
CA PRO A 309 -15.95 -7.44 -24.08
C PRO A 309 -15.86 -5.94 -23.79
N GLU A 310 -16.67 -5.16 -24.49
CA GLU A 310 -16.56 -3.70 -24.45
C GLU A 310 -16.93 -3.14 -23.07
N GLY A 311 -17.90 -3.78 -22.42
CA GLY A 311 -18.38 -3.33 -21.11
C GLY A 311 -17.55 -3.80 -19.92
N LEU A 312 -16.54 -4.62 -20.17
CA LEU A 312 -15.76 -5.23 -19.10
C LEU A 312 -14.95 -4.22 -18.26
N PRO A 313 -14.14 -3.36 -18.88
CA PRO A 313 -13.42 -2.36 -18.06
C PRO A 313 -14.32 -1.57 -17.10
N ALA A 314 -15.53 -1.24 -17.54
CA ALA A 314 -16.43 -0.45 -16.71
C ALA A 314 -16.96 -1.29 -15.56
N VAL A 315 -17.21 -2.57 -15.82
CA VAL A 315 -17.73 -3.44 -14.76
C VAL A 315 -16.65 -3.58 -13.72
N ILE A 316 -15.43 -3.84 -14.18
CA ILE A 316 -14.27 -4.02 -13.30
C ILE A 316 -14.10 -2.78 -12.44
N THR A 317 -14.18 -1.60 -13.07
CA THR A 317 -14.03 -0.35 -12.36
C THR A 317 -15.13 -0.16 -11.31
N THR A 318 -16.37 -0.42 -11.69
CA THR A 318 -17.52 -0.27 -10.76
C THR A 318 -17.41 -1.17 -9.54
N CYS A 319 -17.09 -2.44 -9.79
CA CYS A 319 -16.87 -3.44 -8.75
C CYS A 319 -15.74 -3.02 -7.80
N LEU A 320 -14.73 -2.34 -8.35
CA LEU A 320 -13.57 -2.00 -7.57
C LEU A 320 -13.84 -0.80 -6.72
N ALA A 321 -14.52 0.18 -7.30
CA ALA A 321 -14.94 1.37 -6.54
C ALA A 321 -15.84 1.01 -5.36
N LEU A 322 -16.74 0.07 -5.56
CA LEU A 322 -17.67 -0.33 -4.51
C LEU A 322 -16.95 -1.06 -3.39
N GLY A 323 -16.07 -1.99 -3.76
CA GLY A 323 -15.20 -2.66 -2.81
C GLY A 323 -14.36 -1.67 -2.02
N THR A 324 -13.71 -0.76 -2.71
CA THR A 324 -12.97 0.37 -2.11
C THR A 324 -13.76 1.13 -1.04
N ARG A 325 -14.97 1.54 -1.39
CA ARG A 325 -15.86 2.20 -0.43
C ARG A 325 -16.12 1.32 0.79
N ARG A 326 -16.26 0.01 0.58
CA ARG A 326 -16.51 -0.95 1.68
C ARG A 326 -15.29 -1.13 2.59
N MET A 327 -14.10 -1.09 1.97
CA MET A 327 -12.85 -1.29 2.67
C MET A 327 -12.54 -0.08 3.55
N ALA A 328 -12.84 1.11 3.03
CA ALA A 328 -12.68 2.35 3.78
C ALA A 328 -13.47 2.38 5.11
N LYS A 329 -14.64 1.78 5.12
CA LYS A 329 -15.46 1.66 6.32
C LYS A 329 -14.79 0.78 7.35
N LYS A 330 -13.94 -0.13 6.89
CA LYS A 330 -13.08 -0.92 7.76
C LYS A 330 -11.61 -0.43 7.85
N ASN A 331 -11.42 0.87 7.66
CA ASN A 331 -10.13 1.56 7.90
C ASN A 331 -9.00 1.31 6.89
N ALA A 332 -9.34 0.65 5.79
CA ALA A 332 -8.39 0.39 4.73
C ALA A 332 -8.68 1.32 3.56
N ILE A 333 -7.86 2.37 3.44
CA ILE A 333 -7.99 3.32 2.35
C ILE A 333 -7.11 2.89 1.19
N VAL A 334 -7.75 2.32 0.17
CA VAL A 334 -7.06 1.83 -1.00
C VAL A 334 -6.93 2.97 -1.99
N ARG A 335 -5.70 3.25 -2.41
CA ARG A 335 -5.45 4.39 -3.27
C ARG A 335 -5.49 4.01 -4.74
N SER A 336 -5.09 2.79 -5.02
CA SER A 336 -4.98 2.31 -6.40
C SER A 336 -5.99 1.16 -6.58
N LEU A 337 -7.01 1.37 -7.42
CA LEU A 337 -8.07 0.34 -7.60
C LEU A 337 -7.54 -1.06 -7.99
N PRO A 338 -6.62 -1.16 -8.97
CA PRO A 338 -6.06 -2.49 -9.28
C PRO A 338 -5.31 -3.22 -8.14
N SER A 339 -4.83 -2.48 -7.14
CA SER A 339 -4.10 -3.06 -6.00
C SER A 339 -4.96 -4.05 -5.19
N VAL A 340 -6.27 -3.86 -5.25
CA VAL A 340 -7.24 -4.75 -4.62
C VAL A 340 -6.92 -6.23 -4.92
N GLU A 341 -6.65 -6.52 -6.20
CA GLU A 341 -6.30 -7.89 -6.57
C GLU A 341 -5.01 -8.34 -5.90
N THR A 342 -3.98 -7.52 -6.00
CA THR A 342 -2.67 -7.82 -5.43
C THR A 342 -2.74 -8.09 -3.92
N LEU A 343 -3.52 -7.28 -3.24
CA LEU A 343 -3.71 -7.35 -1.83
C LEU A 343 -4.31 -8.71 -1.50
N GLY A 344 -5.26 -9.15 -2.33
CA GLY A 344 -5.84 -10.50 -2.23
C GLY A 344 -4.81 -11.59 -2.41
N CYS A 345 -3.75 -11.29 -3.14
CA CYS A 345 -2.66 -12.28 -3.32
C CYS A 345 -1.46 -12.21 -2.36
N THR A 346 -1.51 -11.31 -1.36
CA THR A 346 -0.37 -11.09 -0.48
C THR A 346 0.11 -12.40 0.11
N SER A 347 1.41 -12.68 0.04
CA SER A 347 1.93 -13.88 0.69
C SER A 347 2.86 -13.57 1.86
N VAL A 348 3.39 -12.34 1.91
CA VAL A 348 4.19 -11.91 3.06
C VAL A 348 3.71 -10.55 3.48
N ILE A 349 3.47 -10.35 4.78
CA ILE A 349 3.30 -9.03 5.35
C ILE A 349 4.45 -8.68 6.28
N CYS A 350 5.22 -7.65 5.92
CA CYS A 350 6.26 -7.10 6.76
C CYS A 350 5.67 -5.91 7.46
N SER A 351 5.67 -5.95 8.80
CA SER A 351 5.03 -4.91 9.58
C SER A 351 5.96 -4.35 10.65
N ASP A 352 6.09 -3.02 10.69
CA ASP A 352 6.66 -2.33 11.84
C ASP A 352 5.86 -2.73 13.08
N LYS A 353 6.52 -2.78 14.24
CA LYS A 353 5.84 -3.18 15.44
C LYS A 353 5.11 -1.99 16.08
N THR A 354 5.88 -0.98 16.43
CA THR A 354 5.39 0.04 17.36
C THR A 354 4.25 0.84 16.74
N GLY A 355 3.10 0.81 17.41
CA GLY A 355 1.93 1.55 16.94
C GLY A 355 1.07 0.75 15.98
N THR A 356 1.64 -0.26 15.34
CA THR A 356 0.92 -1.06 14.36
C THR A 356 0.53 -2.42 14.94
N LEU A 357 1.54 -3.19 15.35
CA LEU A 357 1.31 -4.41 16.08
C LEU A 357 1.01 -4.13 17.57
N THR A 358 1.54 -3.02 18.07
CA THR A 358 1.32 -2.62 19.47
C THR A 358 0.55 -1.32 19.54
N THR A 359 0.05 -0.97 20.72
CA THR A 359 -0.69 0.28 20.86
C THR A 359 0.21 1.49 20.92
N ASN A 360 1.51 1.28 21.11
CA ASN A 360 2.43 2.39 21.40
C ASN A 360 1.96 3.24 22.59
N GLN A 361 1.34 2.59 23.56
CA GLN A 361 1.13 3.19 24.85
C GLN A 361 2.09 2.48 25.80
N MET A 362 3.22 3.10 26.11
CA MET A 362 4.20 2.46 26.95
C MET A 362 3.81 2.65 28.45
N SER A 363 3.96 1.57 29.23
CA SER A 363 3.62 1.59 30.62
C SER A 363 4.55 0.73 31.46
N VAL A 364 5.13 1.29 32.52
CA VAL A 364 6.00 0.54 33.43
C VAL A 364 5.14 -0.35 34.31
N CYS A 365 5.41 -1.65 34.35
CA CYS A 365 4.72 -2.53 35.27
C CYS A 365 5.60 -3.28 36.26
N LYS A 366 6.90 -3.09 36.17
CA LYS A 366 7.83 -3.70 37.12
C LYS A 366 9.00 -2.79 37.29
N MET A 367 9.58 -2.79 38.49
CA MET A 367 10.85 -2.12 38.78
C MET A 367 11.51 -2.80 39.96
N PHE A 368 12.80 -2.58 40.14
CA PHE A 368 13.41 -3.08 41.36
C PHE A 368 14.62 -2.28 41.71
N ILE A 369 14.96 -2.30 43.00
CA ILE A 369 16.17 -1.69 43.55
C ILE A 369 16.88 -2.81 44.32
N ILE A 370 18.07 -2.53 44.81
CA ILE A 370 18.81 -3.48 45.62
C ILE A 370 18.38 -3.32 47.07
N ASP A 371 18.09 -4.47 47.67
CA ASP A 371 17.61 -4.57 49.05
C ASP A 371 18.77 -4.69 50.01
N LYS A 372 19.74 -5.52 49.68
CA LYS A 372 20.92 -5.66 50.51
C LYS A 372 22.01 -6.49 49.86
N VAL A 373 23.23 -6.28 50.29
CA VAL A 373 24.40 -6.96 49.75
C VAL A 373 25.27 -7.36 50.93
N ASP A 374 25.57 -8.65 51.03
CA ASP A 374 26.38 -9.16 52.13
C ASP A 374 27.22 -10.33 51.64
N GLY A 375 28.42 -10.01 51.15
CA GLY A 375 29.35 -11.02 50.64
C GLY A 375 28.76 -11.73 49.44
N ASP A 376 28.65 -13.05 49.52
CA ASP A 376 28.04 -13.83 48.42
C ASP A 376 26.51 -13.64 48.35
N PHE A 377 25.95 -12.98 49.35
CA PHE A 377 24.50 -12.86 49.46
C PHE A 377 24.00 -11.54 48.96
N CYS A 378 22.84 -11.59 48.33
CA CYS A 378 22.25 -10.43 47.72
C CYS A 378 20.74 -10.58 47.61
N SER A 379 20.00 -9.52 47.94
CA SER A 379 18.58 -9.51 47.68
C SER A 379 18.13 -8.23 47.03
N LEU A 380 17.04 -8.35 46.28
CA LEU A 380 16.38 -7.27 45.57
C LEU A 380 14.98 -6.99 46.11
N ASN A 381 14.58 -5.72 46.01
CA ASN A 381 13.24 -5.26 46.32
C ASN A 381 12.43 -4.99 45.04
N GLU A 382 11.61 -5.95 44.62
CA GLU A 382 10.87 -5.81 43.38
C GLU A 382 9.44 -5.36 43.62
N PHE A 383 8.95 -4.55 42.71
CA PHE A 383 7.61 -4.01 42.76
C PHE A 383 6.88 -4.22 41.42
N SER A 384 5.55 -4.18 41.47
CA SER A 384 4.69 -4.15 40.32
C SER A 384 4.06 -2.78 40.31
N ILE A 385 3.59 -2.34 39.16
CA ILE A 385 2.92 -1.06 39.05
C ILE A 385 1.70 -1.28 38.14
N THR A 386 0.53 -0.85 38.59
CA THR A 386 -0.69 -1.08 37.79
C THR A 386 -1.05 0.15 36.97
N GLY A 387 -1.90 -0.08 35.97
CA GLY A 387 -2.46 1.00 35.17
C GLY A 387 -1.77 1.08 33.82
N SER A 388 -2.43 0.55 32.80
CA SER A 388 -1.86 0.43 31.47
C SER A 388 -1.96 1.71 30.64
N THR A 389 -2.44 2.77 31.25
CA THR A 389 -2.60 4.04 30.56
C THR A 389 -1.45 5.04 30.90
N TYR A 390 -1.24 6.05 30.02
CA TYR A 390 -0.31 7.16 30.31
C TYR A 390 -0.86 7.97 31.46
N ALA A 391 -2.11 7.68 31.83
CA ALA A 391 -2.77 8.33 32.97
C ALA A 391 -2.10 7.89 34.26
N PRO A 392 -2.01 8.81 35.25
CA PRO A 392 -1.50 8.48 36.58
C PRO A 392 -2.46 7.61 37.39
N GLU A 393 -3.27 6.81 36.69
CA GLU A 393 -4.18 5.84 37.31
C GLU A 393 -3.48 4.49 37.52
N GLY A 394 -3.07 4.27 38.77
CA GLY A 394 -2.45 3.03 39.17
C GLY A 394 -1.79 3.19 40.52
N GLU A 395 -1.13 2.13 40.96
CA GLU A 395 -0.44 2.13 42.24
C GLU A 395 0.66 1.06 42.26
N VAL A 396 1.54 1.17 43.24
CA VAL A 396 2.72 0.31 43.38
C VAL A 396 2.37 -0.79 44.35
N LEU A 397 2.90 -2.00 44.11
CA LEU A 397 2.62 -3.15 44.98
C LEU A 397 3.88 -3.96 45.24
N LYS A 398 4.01 -4.50 46.44
CA LYS A 398 4.96 -5.58 46.63
C LYS A 398 4.13 -6.79 47.00
N ASN A 399 4.35 -7.87 46.27
CA ASN A 399 3.52 -9.08 46.38
C ASN A 399 2.02 -8.77 46.40
N ASP A 400 1.60 -7.95 45.44
CA ASP A 400 0.18 -7.66 45.16
C ASP A 400 -0.53 -6.82 46.19
N LYS A 401 0.22 -6.30 47.15
CA LYS A 401 -0.32 -5.49 48.23
C LYS A 401 0.19 -4.06 48.05
N PRO A 402 -0.74 -3.07 47.99
CA PRO A 402 -0.30 -1.69 47.85
C PRO A 402 0.72 -1.32 48.91
N ILE A 403 1.71 -0.53 48.52
CA ILE A 403 2.69 0.00 49.45
C ILE A 403 2.92 1.48 49.20
N ARG A 404 3.58 2.08 50.17
CA ARG A 404 3.97 3.47 50.14
C ARG A 404 5.33 3.48 49.47
N SER A 405 5.39 4.02 48.24
CA SER A 405 6.67 4.15 47.50
C SER A 405 7.71 4.92 48.30
N GLY A 406 7.29 6.05 48.87
CA GLY A 406 8.18 6.93 49.62
C GLY A 406 8.91 6.29 50.78
N GLN A 407 8.45 5.13 51.20
CA GLN A 407 9.00 4.48 52.37
C GLN A 407 10.25 3.68 52.05
N PHE A 408 10.66 3.70 50.78
CA PHE A 408 11.93 3.12 50.37
C PHE A 408 12.77 4.22 49.76
N ASP A 409 13.88 4.56 50.43
CA ASP A 409 14.81 5.60 49.93
C ASP A 409 15.29 5.28 48.50
N GLY A 410 15.61 4.02 48.25
CA GLY A 410 16.01 3.53 46.93
C GLY A 410 14.98 3.94 45.89
N LEU A 411 13.71 3.75 46.22
CA LEU A 411 12.62 4.16 45.32
C LEU A 411 12.60 5.66 45.10
N VAL A 412 12.88 6.41 46.17
CA VAL A 412 12.93 7.86 46.11
C VAL A 412 13.96 8.32 45.09
N GLU A 413 15.15 7.74 45.14
CA GLU A 413 16.13 8.01 44.13
C GLU A 413 15.72 7.53 42.74
N LEU A 414 15.05 6.37 42.65
CA LEU A 414 14.63 5.80 41.37
C LEU A 414 13.73 6.81 40.67
N ALA A 415 12.76 7.33 41.44
CA ALA A 415 11.84 8.32 40.92
C ALA A 415 12.58 9.62 40.59
N THR A 416 13.50 10.03 41.46
CA THR A 416 14.30 11.24 41.18
C THR A 416 14.90 11.12 39.78
N ILE A 417 15.63 10.03 39.53
CA ILE A 417 16.24 9.80 38.21
C ILE A 417 15.17 9.79 37.12
N CYS A 418 14.10 9.03 37.32
CA CYS A 418 13.03 9.00 36.32
C CYS A 418 12.54 10.41 35.93
N ALA A 419 12.42 11.30 36.92
CA ALA A 419 11.86 12.63 36.68
C ALA A 419 12.86 13.58 36.01
N LEU A 420 14.08 13.63 36.54
CA LEU A 420 15.06 14.57 36.00
C LEU A 420 15.67 14.12 34.68
N CYS A 421 16.02 12.83 34.58
CA CYS A 421 16.73 12.34 33.41
C CYS A 421 15.71 12.05 32.34
N ASN A 422 15.13 13.10 31.79
CA ASN A 422 13.85 12.98 31.08
C ASN A 422 13.52 14.26 30.32
N ASP A 423 13.40 14.13 29.00
CA ASP A 423 13.00 15.25 28.15
C ASP A 423 11.51 15.32 27.83
N SER A 424 10.78 14.27 28.16
CA SER A 424 9.37 14.22 27.81
C SER A 424 8.45 14.60 28.97
N SER A 425 7.14 14.65 28.71
CA SER A 425 6.17 14.91 29.76
C SER A 425 4.76 14.39 29.41
N LEU A 426 3.78 14.80 30.21
CA LEU A 426 2.41 14.35 30.06
C LEU A 426 1.47 15.49 29.73
N ASP A 427 0.50 15.21 28.87
CA ASP A 427 -0.62 16.14 28.63
C ASP A 427 -2.01 15.49 28.75
N PHE A 428 -2.90 16.17 29.48
CA PHE A 428 -4.31 15.82 29.54
C PHE A 428 -5.09 16.60 28.46
N ASN A 429 -5.28 15.95 27.31
CA ASN A 429 -6.00 16.51 26.16
C ASN A 429 -7.53 16.56 26.40
N GLU A 430 -8.05 17.75 26.68
CA GLU A 430 -9.46 17.95 27.07
C GLU A 430 -10.48 17.88 25.94
N THR A 431 -9.99 17.75 24.70
CA THR A 431 -10.84 17.50 23.53
C THR A 431 -11.21 16.02 23.46
N LYS A 432 -10.40 15.18 24.11
CA LYS A 432 -10.59 13.73 24.09
C LYS A 432 -10.85 13.11 25.48
N GLY A 433 -10.21 13.65 26.51
CA GLY A 433 -10.29 13.08 27.87
C GLY A 433 -9.09 12.19 28.20
N VAL A 434 -8.73 11.32 27.24
CA VAL A 434 -7.57 10.41 27.37
C VAL A 434 -6.22 11.15 27.27
N TYR A 435 -5.27 10.71 28.09
CA TYR A 435 -3.94 11.32 28.17
C TYR A 435 -3.06 10.98 26.96
N GLU A 436 -2.21 11.93 26.57
CA GLU A 436 -1.31 11.75 25.42
C GLU A 436 0.16 12.09 25.70
N LYS A 437 1.05 11.27 25.13
CA LYS A 437 2.50 11.44 25.27
C LYS A 437 2.96 12.77 24.69
N VAL A 438 3.88 13.41 25.41
CA VAL A 438 4.52 14.65 24.98
C VAL A 438 6.00 14.33 24.86
N GLY A 439 6.37 13.63 23.78
CA GLY A 439 7.76 13.29 23.52
C GLY A 439 7.99 11.84 23.17
N GLU A 440 9.04 11.26 23.73
CA GLU A 440 9.34 9.86 23.55
C GLU A 440 8.44 9.00 24.45
N ALA A 441 7.91 7.91 23.89
CA ALA A 441 6.97 7.02 24.59
C ALA A 441 7.60 6.40 25.84
N THR A 442 8.80 5.84 25.67
CA THR A 442 9.61 5.29 26.74
C THR A 442 9.81 6.29 27.90
N GLU A 443 10.07 7.55 27.58
CA GLU A 443 10.28 8.57 28.62
C GLU A 443 9.00 8.95 29.36
N THR A 444 7.90 9.06 28.63
CA THR A 444 6.64 9.47 29.20
C THR A 444 6.12 8.39 30.18
N ALA A 445 6.43 7.12 29.90
CA ALA A 445 6.19 6.03 30.82
C ALA A 445 6.86 6.31 32.17
N LEU A 446 8.02 6.95 32.14
CA LEU A 446 8.72 7.27 33.37
C LEU A 446 7.97 8.39 34.07
N THR A 447 7.70 9.45 33.30
CA THR A 447 6.93 10.59 33.80
C THR A 447 5.70 10.04 34.52
N THR A 448 5.01 9.12 33.84
CA THR A 448 3.81 8.50 34.38
C THR A 448 4.11 7.67 35.60
N LEU A 449 5.25 6.98 35.56
CA LEU A 449 5.68 6.25 36.75
C LEU A 449 5.79 7.13 38.00
N VAL A 450 6.46 8.27 37.92
CA VAL A 450 6.75 9.02 39.15
C VAL A 450 5.47 9.56 39.78
N GLU A 451 4.51 9.90 38.94
CA GLU A 451 3.22 10.38 39.41
C GLU A 451 2.51 9.31 40.24
N LYS A 452 2.55 8.07 39.76
CA LYS A 452 1.97 6.92 40.47
C LYS A 452 2.76 6.57 41.72
N MET A 453 4.05 6.82 41.70
CA MET A 453 4.92 6.50 42.84
C MET A 453 4.69 7.48 43.98
N ASN A 454 4.55 8.76 43.60
CA ASN A 454 4.31 9.86 44.54
C ASN A 454 5.17 9.78 45.78
N VAL A 455 6.47 9.81 45.54
CA VAL A 455 7.45 9.49 46.56
C VAL A 455 7.48 10.44 47.75
N PHE A 456 7.00 11.66 47.58
CA PHE A 456 6.97 12.64 48.68
C PHE A 456 5.57 12.89 49.27
N ASN A 457 4.59 12.15 48.79
CA ASN A 457 3.22 12.16 49.34
C ASN A 457 2.49 13.51 49.19
N THR A 458 2.81 14.26 48.12
CA THR A 458 2.17 15.54 47.83
C THR A 458 0.68 15.36 47.54
N GLU A 459 -0.14 16.33 47.98
CA GLU A 459 -1.59 16.23 47.91
C GLU A 459 -2.17 16.39 46.49
N VAL A 460 -2.47 15.27 45.85
CA VAL A 460 -2.92 15.28 44.45
C VAL A 460 -4.43 15.03 44.28
N ARG A 461 -5.03 14.35 45.25
CA ARG A 461 -6.48 14.08 45.21
C ARG A 461 -7.26 15.38 45.15
N ASN A 462 -6.62 16.45 45.59
CA ASN A 462 -7.19 17.81 45.63
C ASN A 462 -7.14 18.57 44.30
N LEU A 463 -6.10 18.32 43.50
CA LEU A 463 -5.91 19.01 42.21
C LEU A 463 -6.89 18.51 41.15
N SER A 464 -6.86 19.14 39.98
CA SER A 464 -7.83 18.83 38.92
C SER A 464 -7.39 17.64 38.07
N LYS A 465 -7.26 17.88 36.76
CA LYS A 465 -7.00 16.82 35.80
C LYS A 465 -5.90 17.21 34.79
N VAL A 466 -5.67 18.52 34.63
CA VAL A 466 -4.49 19.01 33.92
C VAL A 466 -3.41 19.31 34.96
N GLU A 467 -3.82 19.74 36.15
CA GLU A 467 -2.90 19.90 37.29
C GLU A 467 -2.44 18.55 37.84
N ARG A 468 -3.04 17.49 37.30
CA ARG A 468 -2.72 16.10 37.66
C ARG A 468 -1.58 15.54 36.80
N ALA A 469 -1.44 16.07 35.58
CA ALA A 469 -0.50 15.55 34.58
C ALA A 469 0.95 15.51 35.06
N ASN A 470 1.38 16.55 35.76
CA ASN A 470 2.80 16.71 36.09
C ASN A 470 3.10 17.09 37.54
N ALA A 471 2.29 16.61 38.47
CA ALA A 471 2.39 17.04 39.86
C ALA A 471 3.64 16.55 40.60
N CYS A 472 3.73 15.24 40.81
CA CYS A 472 4.85 14.65 41.57
C CYS A 472 6.17 14.89 40.89
N ASN A 473 6.11 15.15 39.59
CA ASN A 473 7.27 15.51 38.78
C ASN A 473 7.80 16.89 39.13
N SER A 474 6.88 17.84 39.21
CA SER A 474 7.19 19.24 39.51
C SER A 474 7.82 19.39 40.88
N VAL A 475 7.45 18.49 41.76
CA VAL A 475 8.00 18.43 43.11
C VAL A 475 9.49 18.11 43.04
N ILE A 476 9.82 17.09 42.25
CA ILE A 476 11.20 16.63 42.09
C ILE A 476 12.07 17.66 41.36
N ARG A 477 11.50 18.38 40.41
CA ARG A 477 12.22 19.46 39.72
C ARG A 477 12.65 20.61 40.63
N GLN A 478 11.83 20.94 41.61
CA GLN A 478 12.16 22.00 42.55
C GLN A 478 13.38 21.62 43.38
N LEU A 479 13.75 20.34 43.37
CA LEU A 479 14.88 19.85 44.15
C LEU A 479 16.23 20.14 43.54
N MET A 480 16.37 19.90 42.24
CA MET A 480 17.68 19.96 41.59
C MET A 480 17.65 20.90 40.38
N LYS A 481 18.67 21.73 40.29
CA LYS A 481 18.86 22.55 39.12
C LYS A 481 19.46 21.67 38.01
N LYS A 482 18.67 21.39 36.97
CA LYS A 482 19.16 20.71 35.77
C LYS A 482 20.01 21.63 34.86
N GLU A 483 21.33 21.41 34.81
CA GLU A 483 22.27 22.30 34.11
C GLU A 483 22.32 22.03 32.60
N PHE A 484 22.59 20.78 32.25
CA PHE A 484 22.61 20.35 30.86
C PHE A 484 22.27 18.86 30.80
N THR A 485 22.05 18.38 29.60
CA THR A 485 21.80 16.96 29.44
C THR A 485 22.68 16.40 28.34
N LEU A 486 23.20 15.18 28.56
CA LEU A 486 23.93 14.45 27.53
C LEU A 486 22.97 13.49 26.85
N GLU A 487 22.46 13.93 25.70
CA GLU A 487 21.42 13.22 24.94
C GLU A 487 21.76 11.77 24.64
N PHE A 488 20.71 10.99 24.45
CA PHE A 488 20.84 9.58 24.11
C PHE A 488 21.51 9.43 22.76
N SER A 489 22.35 8.41 22.62
CA SER A 489 22.96 8.07 21.34
C SER A 489 23.05 6.56 21.28
N ARG A 490 22.99 6.03 20.07
CA ARG A 490 22.86 4.63 19.89
C ARG A 490 24.11 3.84 20.19
N ASP A 491 25.26 4.49 20.24
CA ASP A 491 26.47 3.76 20.59
C ASP A 491 26.48 3.35 22.06
N ARG A 492 26.35 4.33 22.97
CA ARG A 492 26.39 4.05 24.42
C ARG A 492 25.04 3.58 24.97
N LYS A 493 23.96 3.92 24.26
CA LYS A 493 22.60 3.55 24.62
C LYS A 493 22.25 4.03 26.03
N SER A 494 22.69 5.24 26.36
CA SER A 494 22.31 5.86 27.61
C SER A 494 22.22 7.35 27.45
N MET A 495 21.57 8.00 28.42
CA MET A 495 21.62 9.44 28.48
C MET A 495 21.71 9.84 29.96
N SER A 496 22.15 11.06 30.20
CA SER A 496 22.35 11.51 31.58
C SER A 496 21.97 12.98 31.67
N VAL A 497 21.79 13.44 32.90
CA VAL A 497 21.61 14.86 33.17
C VAL A 497 22.54 15.27 34.30
N TYR A 498 23.04 16.51 34.20
CA TYR A 498 23.88 17.08 35.21
C TYR A 498 23.06 18.04 36.05
N CYS A 499 23.10 17.84 37.35
CA CYS A 499 22.27 18.57 38.24
C CYS A 499 23.06 19.08 39.42
N SER A 500 22.61 20.21 39.93
CA SER A 500 23.18 20.81 41.13
C SER A 500 22.03 21.14 42.04
N PRO A 501 22.25 21.04 43.36
CA PRO A 501 21.18 21.39 44.31
C PRO A 501 20.55 22.76 44.01
N ALA A 502 19.22 22.84 44.15
CA ALA A 502 18.47 24.09 43.98
C ALA A 502 18.73 25.00 45.17
N LYS A 503 18.49 24.47 46.37
CA LYS A 503 18.91 25.11 47.62
C LYS A 503 20.39 24.73 47.88
N SER A 504 21.27 25.74 47.74
CA SER A 504 22.73 25.56 47.83
C SER A 504 23.46 26.90 48.04
N SER A 505 23.69 27.25 49.31
CA SER A 505 24.29 28.56 49.74
C SER A 505 25.75 28.83 49.27
N ARG A 506 26.72 28.69 50.18
CA ARG A 506 28.17 28.85 49.89
C ARG A 506 28.92 27.54 49.49
N ALA A 507 28.20 26.60 48.88
CA ALA A 507 28.70 25.25 48.57
C ALA A 507 28.78 24.94 47.06
N ALA A 508 30.02 24.72 46.58
CA ALA A 508 30.28 24.34 45.19
C ALA A 508 30.12 22.81 44.96
N VAL A 509 29.74 22.09 46.02
CA VAL A 509 29.80 20.63 46.06
C VAL A 509 28.39 19.98 45.97
N GLY A 510 28.34 18.67 45.70
CA GLY A 510 27.08 17.92 45.76
C GLY A 510 26.29 17.89 44.45
N ASN A 511 26.96 18.13 43.33
CA ASN A 511 26.36 17.96 42.01
C ASN A 511 26.22 16.50 41.73
N LYS A 512 25.17 16.14 40.98
CA LYS A 512 24.90 14.75 40.57
C LYS A 512 24.64 14.62 39.07
N MET A 513 25.12 13.54 38.47
CA MET A 513 24.58 13.12 37.20
C MET A 513 23.63 11.94 37.41
N PHE A 514 22.49 12.01 36.73
CA PHE A 514 21.51 10.96 36.74
C PHE A 514 21.45 10.30 35.36
N VAL A 515 21.62 8.97 35.32
CA VAL A 515 21.85 8.27 34.09
C VAL A 515 20.79 7.21 33.89
N LYS A 516 20.30 7.14 32.67
CA LYS A 516 19.33 6.13 32.33
C LYS A 516 19.66 5.53 30.96
N GLY A 517 19.49 4.23 30.81
CA GLY A 517 19.79 3.61 29.52
C GLY A 517 19.59 2.11 29.46
N ALA A 518 19.91 1.53 28.31
CA ALA A 518 19.92 0.08 28.13
C ALA A 518 20.83 -0.53 29.18
N PRO A 519 20.35 -1.58 29.84
CA PRO A 519 20.99 -2.06 31.07
C PRO A 519 22.46 -2.40 30.99
N GLU A 520 22.86 -3.07 29.90
CA GLU A 520 24.15 -3.71 29.86
C GLU A 520 25.31 -2.71 29.97
N GLY A 521 25.32 -1.70 29.11
CA GLY A 521 26.36 -0.65 29.13
C GLY A 521 26.29 0.20 30.37
N VAL A 522 25.07 0.53 30.82
CA VAL A 522 24.94 1.31 32.05
C VAL A 522 25.54 0.58 33.25
N ILE A 523 25.21 -0.73 33.36
CA ILE A 523 25.62 -1.53 34.50
C ILE A 523 27.13 -1.78 34.48
N ASP A 524 27.66 -2.07 33.30
CA ASP A 524 29.09 -2.19 33.14
C ASP A 524 29.86 -0.95 33.63
N ARG A 525 29.22 0.21 33.58
CA ARG A 525 29.84 1.48 34.03
C ARG A 525 29.53 1.87 35.49
N CYS A 526 28.85 0.96 36.20
CA CYS A 526 28.62 1.12 37.63
C CYS A 526 29.75 0.46 38.41
N ASN A 527 30.33 1.23 39.31
CA ASN A 527 31.30 0.73 40.28
C ASN A 527 30.65 0.59 41.65
N TYR A 528 29.45 1.15 41.77
CA TYR A 528 28.75 1.15 43.03
C TYR A 528 27.30 0.73 42.85
N VAL A 529 26.69 0.32 43.96
CA VAL A 529 25.31 -0.10 44.07
C VAL A 529 24.73 0.66 45.27
N ARG A 530 23.63 1.36 45.06
CA ARG A 530 22.91 2.01 46.18
C ARG A 530 22.05 0.98 46.93
N VAL A 531 22.01 1.07 48.26
CA VAL A 531 21.18 0.21 49.12
C VAL A 531 20.56 1.18 50.11
N GLY A 532 19.32 1.56 49.84
CA GLY A 532 18.63 2.57 50.62
C GLY A 532 19.26 3.92 50.35
N THR A 533 19.88 4.53 51.37
CA THR A 533 20.71 5.73 51.16
C THR A 533 22.21 5.40 51.17
N THR A 534 22.56 4.15 51.42
CA THR A 534 23.96 3.81 51.52
C THR A 534 24.50 3.37 50.19
N ARG A 535 25.77 3.04 50.17
CA ARG A 535 26.43 2.67 48.96
C ARG A 535 27.49 1.63 49.23
N VAL A 536 27.65 0.70 48.32
CA VAL A 536 28.56 -0.40 48.53
C VAL A 536 29.19 -0.69 47.20
N PRO A 537 30.41 -1.31 47.19
CA PRO A 537 31.04 -1.69 45.92
C PRO A 537 30.18 -2.64 45.08
N MET A 538 30.12 -2.40 43.77
CA MET A 538 29.50 -3.35 42.84
C MET A 538 30.44 -4.58 42.79
N THR A 539 29.87 -5.78 42.97
CA THR A 539 30.65 -7.01 42.94
C THR A 539 29.94 -8.03 42.10
N GLY A 540 30.61 -9.15 41.85
CA GLY A 540 30.12 -10.20 40.94
C GLY A 540 28.73 -10.74 41.20
N PRO A 541 28.44 -11.15 42.46
CA PRO A 541 27.10 -11.78 42.67
C PRO A 541 25.94 -10.77 42.62
N VAL A 542 26.22 -9.50 42.91
CA VAL A 542 25.21 -8.45 42.76
C VAL A 542 24.90 -8.21 41.28
N LYS A 543 25.96 -8.22 40.46
CA LYS A 543 25.82 -8.06 39.02
C LYS A 543 25.08 -9.25 38.41
N GLU A 544 25.43 -10.46 38.83
CA GLU A 544 24.72 -11.66 38.34
C GLU A 544 23.24 -11.52 38.60
N LYS A 545 22.90 -11.25 39.85
CA LYS A 545 21.51 -11.06 40.31
C LYS A 545 20.72 -10.05 39.44
N ILE A 546 21.30 -8.86 39.24
CA ILE A 546 20.72 -7.81 38.42
C ILE A 546 20.52 -8.23 36.93
N LEU A 547 21.56 -8.77 36.30
CA LEU A 547 21.48 -9.12 34.88
C LEU A 547 20.52 -10.26 34.71
N SER A 548 20.50 -11.15 35.69
CA SER A 548 19.62 -12.32 35.66
C SER A 548 18.13 -11.95 35.62
N VAL A 549 17.75 -10.99 36.45
CA VAL A 549 16.38 -10.50 36.47
C VAL A 549 16.03 -9.79 35.18
N ILE A 550 16.92 -8.92 34.73
CA ILE A 550 16.72 -8.24 33.45
C ILE A 550 16.51 -9.21 32.31
N LYS A 551 17.28 -10.29 32.31
CA LYS A 551 17.14 -11.29 31.26
C LYS A 551 15.71 -11.82 31.28
N GLU A 552 15.20 -12.15 32.47
CA GLU A 552 13.87 -12.77 32.61
C GLU A 552 12.75 -11.78 32.24
N TRP A 553 12.90 -10.51 32.60
CA TRP A 553 11.89 -9.50 32.29
C TRP A 553 11.87 -9.14 30.79
N GLY A 554 13.03 -9.22 30.15
CA GLY A 554 13.16 -8.78 28.78
C GLY A 554 13.04 -9.89 27.76
N THR A 555 13.17 -11.14 28.19
CA THR A 555 13.28 -12.29 27.28
C THR A 555 12.19 -13.28 27.64
N GLY A 556 11.65 -13.13 28.84
CA GLY A 556 10.54 -13.97 29.28
C GLY A 556 9.22 -13.53 28.70
N ARG A 557 8.13 -14.10 29.22
CA ARG A 557 6.78 -13.83 28.72
C ARG A 557 6.27 -12.41 29.04
N ASP A 558 6.91 -11.73 29.98
CA ASP A 558 6.59 -10.32 30.27
C ASP A 558 6.92 -9.39 29.07
N THR A 559 7.85 -9.80 28.22
CA THR A 559 8.32 -8.98 27.09
C THR A 559 8.46 -7.48 27.40
N LEU A 560 9.23 -7.14 28.41
CA LEU A 560 9.37 -5.76 28.79
C LEU A 560 10.66 -5.17 28.26
N ARG A 561 10.59 -3.90 27.88
CA ARG A 561 11.81 -3.09 27.69
C ARG A 561 12.37 -2.66 29.03
N CYS A 562 13.63 -3.01 29.29
CA CYS A 562 14.30 -2.60 30.53
C CYS A 562 15.22 -1.40 30.37
N LEU A 563 15.17 -0.49 31.35
CA LEU A 563 16.14 0.54 31.49
C LEU A 563 16.82 0.43 32.87
N ALA A 564 18.14 0.48 32.91
CA ALA A 564 18.85 0.62 34.16
C ALA A 564 18.97 2.10 34.48
N LEU A 565 18.82 2.45 35.76
CA LEU A 565 18.98 3.80 36.27
C LEU A 565 20.13 3.86 37.26
N ALA A 566 20.89 4.94 37.19
CA ALA A 566 22.13 5.03 37.90
C ALA A 566 22.46 6.51 38.18
N THR A 567 23.29 6.76 39.19
CA THR A 567 23.69 8.15 39.41
C THR A 567 25.18 8.20 39.54
N ARG A 568 25.80 9.25 39.00
CA ARG A 568 27.20 9.47 39.32
C ARG A 568 27.26 10.33 40.57
N ASP A 569 27.79 9.77 41.65
CA ASP A 569 27.83 10.45 42.94
C ASP A 569 28.82 11.60 42.96
N THR A 570 29.98 11.37 42.34
CA THR A 570 31.01 12.41 42.19
C THR A 570 31.27 12.68 40.70
N PRO A 571 30.44 13.52 40.06
CA PRO A 571 30.60 13.78 38.65
C PRO A 571 31.76 14.76 38.44
N PRO A 572 32.29 14.84 37.20
CA PRO A 572 33.44 15.75 36.99
C PRO A 572 33.04 17.16 37.28
N LYS A 573 34.03 18.01 37.56
CA LYS A 573 33.76 19.41 37.66
C LYS A 573 33.14 19.85 36.33
N ARG A 574 32.18 20.75 36.45
CA ARG A 574 31.41 21.31 35.35
C ARG A 574 32.31 21.88 34.24
N GLU A 575 33.27 22.74 34.62
CA GLU A 575 34.24 23.30 33.67
C GLU A 575 35.12 22.25 32.99
N GLU A 576 35.22 21.06 33.57
CA GLU A 576 36.12 20.05 32.98
C GLU A 576 35.37 19.17 31.98
N MET A 577 34.23 19.68 31.52
CA MET A 577 33.43 18.88 30.61
C MET A 577 33.21 19.55 29.27
N VAL A 578 33.52 18.80 28.22
CA VAL A 578 33.32 19.28 26.86
C VAL A 578 31.97 18.79 26.35
N LEU A 579 30.98 19.68 26.38
CA LEU A 579 29.60 19.35 26.06
C LEU A 579 29.34 19.26 24.56
N ASP A 580 30.39 19.50 23.81
CA ASP A 580 30.30 19.75 22.40
C ASP A 580 30.76 18.51 21.65
N ASP A 581 31.46 17.62 22.36
CA ASP A 581 31.97 16.36 21.80
C ASP A 581 31.25 15.15 22.38
N SER A 582 30.14 14.78 21.75
CA SER A 582 29.35 13.62 22.16
C SER A 582 30.17 12.35 22.36
N SER A 583 31.37 12.32 21.79
CA SER A 583 32.27 11.17 21.84
C SER A 583 32.76 10.96 23.28
N ARG A 584 32.74 12.00 24.08
CA ARG A 584 33.23 11.91 25.45
C ARG A 584 32.13 11.56 26.46
N PHE A 585 30.88 11.52 25.99
CA PHE A 585 29.73 11.40 26.91
C PHE A 585 29.71 10.09 27.69
N MET A 586 30.09 8.98 27.06
CA MET A 586 30.18 7.71 27.75
C MET A 586 31.10 7.84 28.96
N GLU A 587 32.23 8.50 28.73
CA GLU A 587 33.25 8.68 29.73
C GLU A 587 32.76 9.51 30.90
N TYR A 588 31.88 10.48 30.63
CA TYR A 588 31.31 11.29 31.72
C TYR A 588 30.36 10.46 32.59
N GLU A 589 29.79 9.43 31.97
CA GLU A 589 28.86 8.53 32.62
C GLU A 589 29.60 7.27 33.03
N THR A 590 30.71 7.44 33.73
CA THR A 590 31.45 6.32 34.27
C THR A 590 31.49 6.48 35.77
N ASP A 591 31.95 5.44 36.46
CA ASP A 591 32.06 5.45 37.93
C ASP A 591 30.70 5.74 38.55
N LEU A 592 29.70 5.01 38.04
CA LEU A 592 28.32 5.19 38.39
C LEU A 592 27.90 4.31 39.58
N THR A 593 26.83 4.74 40.23
CA THR A 593 26.16 3.98 41.24
C THR A 593 24.83 3.46 40.67
N PHE A 594 24.71 2.14 40.63
CA PHE A 594 23.46 1.49 40.22
C PHE A 594 22.32 1.76 41.19
N VAL A 595 21.22 2.32 40.69
CA VAL A 595 20.06 2.55 41.55
C VAL A 595 18.97 1.51 41.31
N GLY A 596 18.57 1.33 40.07
CA GLY A 596 17.48 0.39 39.84
C GLY A 596 17.17 0.13 38.37
N VAL A 597 16.15 -0.67 38.16
CA VAL A 597 15.76 -1.07 36.83
C VAL A 597 14.26 -0.92 36.72
N VAL A 598 13.79 -0.35 35.62
CA VAL A 598 12.36 -0.35 35.31
C VAL A 598 12.06 -1.17 34.06
N GLY A 599 10.92 -1.84 34.07
CA GLY A 599 10.47 -2.63 32.94
C GLY A 599 9.13 -2.13 32.47
N MET A 600 9.01 -1.89 31.17
CA MET A 600 7.79 -1.33 30.62
C MET A 600 7.31 -2.10 29.43
N LEU A 601 6.01 -2.03 29.23
CA LEU A 601 5.38 -2.84 28.22
C LEU A 601 4.69 -1.95 27.22
N ASP A 602 4.90 -2.26 25.96
CA ASP A 602 4.13 -1.64 24.92
C ASP A 602 3.26 -2.77 24.41
N PRO A 603 2.01 -2.84 24.89
CA PRO A 603 1.21 -4.04 24.66
C PRO A 603 0.72 -4.24 23.22
N PRO A 604 0.71 -5.50 22.77
CA PRO A 604 0.06 -5.86 21.53
C PRO A 604 -1.36 -5.31 21.48
N ARG A 605 -1.78 -4.82 20.32
CA ARG A 605 -3.17 -4.51 20.03
C ARG A 605 -4.05 -5.72 20.29
N LYS A 606 -5.26 -5.45 20.76
CA LYS A 606 -6.13 -6.55 21.20
C LYS A 606 -6.51 -7.56 20.08
N GLU A 607 -6.57 -7.10 18.82
CA GLU A 607 -6.97 -7.95 17.69
C GLU A 607 -5.79 -8.65 17.01
N VAL A 608 -4.57 -8.31 17.45
CA VAL A 608 -3.39 -8.71 16.70
C VAL A 608 -3.17 -10.21 16.73
N MET A 609 -3.28 -10.79 17.91
CA MET A 609 -3.13 -12.24 18.07
C MET A 609 -4.02 -12.97 17.08
N GLY A 610 -5.27 -12.52 17.01
CA GLY A 610 -6.28 -13.18 16.17
C GLY A 610 -5.92 -13.07 14.68
N SER A 611 -5.39 -11.93 14.30
CA SER A 611 -5.04 -11.70 12.91
C SER A 611 -3.80 -12.46 12.53
N ILE A 612 -2.84 -12.55 13.45
CA ILE A 612 -1.69 -13.37 13.19
C ILE A 612 -2.14 -14.78 12.88
N GLN A 613 -3.07 -15.31 13.69
CA GLN A 613 -3.62 -16.62 13.43
C GLN A 613 -4.30 -16.72 12.06
N LEU A 614 -5.13 -15.73 11.74
CA LEU A 614 -5.77 -15.71 10.42
C LEU A 614 -4.74 -15.83 9.29
N CYS A 615 -3.56 -15.22 9.48
CA CYS A 615 -2.50 -15.26 8.49
C CYS A 615 -1.92 -16.65 8.32
N ARG A 616 -1.63 -17.31 9.44
CA ARG A 616 -1.19 -18.69 9.40
C ARG A 616 -2.23 -19.54 8.68
N ASP A 617 -3.52 -19.27 8.93
CA ASP A 617 -4.62 -20.04 8.32
C ASP A 617 -4.67 -19.82 6.84
N ALA A 618 -4.28 -18.60 6.41
CA ALA A 618 -4.37 -18.20 5.01
C ALA A 618 -3.07 -18.39 4.27
N GLY A 619 -2.10 -19.03 4.91
CA GLY A 619 -0.77 -19.22 4.29
C GLY A 619 0.03 -17.92 4.05
N ILE A 620 -0.21 -16.92 4.89
CA ILE A 620 0.48 -15.65 4.78
C ILE A 620 1.51 -15.54 5.90
N ARG A 621 2.77 -15.40 5.50
CA ARG A 621 3.85 -15.22 6.46
C ARG A 621 3.85 -13.77 6.99
N VAL A 622 4.15 -13.59 8.28
CA VAL A 622 4.25 -12.27 8.88
C VAL A 622 5.68 -12.07 9.37
N ILE A 623 6.29 -10.97 8.95
CA ILE A 623 7.60 -10.58 9.44
C ILE A 623 7.44 -9.29 10.25
N MET A 624 7.91 -9.33 11.50
CA MET A 624 7.97 -8.18 12.36
C MET A 624 9.31 -7.41 12.19
N ILE A 625 9.18 -6.09 12.11
CA ILE A 625 10.32 -5.19 12.01
C ILE A 625 10.20 -4.25 13.22
N THR A 626 11.23 -4.24 14.07
CA THR A 626 11.18 -3.58 15.35
C THR A 626 12.52 -2.95 15.76
N GLY A 627 12.45 -1.96 16.66
CA GLY A 627 13.66 -1.33 17.22
C GLY A 627 14.07 -1.89 18.58
N ASP A 628 13.27 -2.80 19.14
CA ASP A 628 13.66 -3.57 20.32
C ASP A 628 15.01 -4.28 20.06
N ASN A 629 15.78 -4.51 21.12
CA ASN A 629 16.88 -5.43 21.03
C ASN A 629 16.37 -6.80 20.61
N LYS A 630 17.27 -7.67 20.20
CA LYS A 630 16.93 -8.92 19.55
C LYS A 630 16.19 -9.86 20.50
N GLY A 631 16.68 -9.94 21.74
CA GLY A 631 16.07 -10.81 22.74
C GLY A 631 14.61 -10.45 22.99
N THR A 632 14.34 -9.13 23.12
CA THR A 632 12.98 -8.69 23.40
C THR A 632 12.14 -8.83 22.12
N ALA A 633 12.76 -8.56 20.96
CA ALA A 633 12.09 -8.80 19.68
C ALA A 633 11.51 -10.21 19.57
N ILE A 634 12.33 -11.20 19.91
CA ILE A 634 11.96 -12.58 19.73
C ILE A 634 10.86 -12.89 20.75
N ALA A 635 11.03 -12.44 21.99
CA ALA A 635 10.01 -12.63 23.01
C ALA A 635 8.67 -12.10 22.54
N ILE A 636 8.65 -10.91 21.97
CA ILE A 636 7.39 -10.33 21.50
C ILE A 636 6.77 -11.12 20.34
N CYS A 637 7.59 -11.69 19.47
CA CYS A 637 7.10 -12.53 18.40
C CYS A 637 6.42 -13.77 18.96
N ARG A 638 7.05 -14.38 19.97
CA ARG A 638 6.44 -15.48 20.70
C ARG A 638 5.11 -15.04 21.29
N ARG A 639 5.09 -13.89 21.94
CA ARG A 639 3.87 -13.42 22.63
C ARG A 639 2.70 -13.27 21.67
N ILE A 640 2.91 -12.73 20.49
CA ILE A 640 1.78 -12.56 19.58
C ILE A 640 1.60 -13.74 18.61
N GLY A 641 2.38 -14.79 18.80
CA GLY A 641 2.22 -15.99 18.01
C GLY A 641 2.92 -16.08 16.67
N ILE A 642 3.85 -15.15 16.38
CA ILE A 642 4.68 -15.28 15.17
C ILE A 642 5.63 -16.49 15.28
N PHE A 643 6.29 -16.64 16.41
CA PHE A 643 7.00 -17.86 16.74
C PHE A 643 6.19 -18.63 17.79
N GLY A 644 6.35 -19.94 17.84
CA GLY A 644 5.83 -20.76 18.94
C GLY A 644 6.60 -20.50 20.23
N GLU A 645 5.93 -20.72 21.36
CA GLU A 645 6.49 -20.45 22.68
C GLU A 645 7.87 -21.08 22.89
N ASN A 646 8.11 -22.20 22.21
CA ASN A 646 9.30 -23.01 22.39
C ASN A 646 10.11 -23.31 21.12
N GLU A 647 9.65 -22.88 19.95
CA GLU A 647 10.38 -23.19 18.72
C GLU A 647 11.75 -22.51 18.62
N GLU A 648 12.66 -23.19 17.92
CA GLU A 648 14.00 -22.69 17.67
C GLU A 648 13.95 -21.60 16.61
N VAL A 649 14.59 -20.47 16.88
CA VAL A 649 14.49 -19.32 16.00
C VAL A 649 15.86 -18.70 15.69
N ALA A 650 16.93 -19.44 16.02
CA ALA A 650 18.32 -18.94 15.88
C ALA A 650 18.59 -18.30 14.51
N ASP A 651 18.08 -18.95 13.46
CA ASP A 651 18.19 -18.43 12.10
C ASP A 651 16.84 -17.98 11.54
N ARG A 652 15.96 -17.48 12.41
CA ARG A 652 14.69 -16.91 11.95
C ARG A 652 14.50 -15.49 12.48
N ALA A 653 15.47 -15.01 13.25
CA ALA A 653 15.49 -13.63 13.73
C ALA A 653 16.87 -13.03 13.54
N TYR A 654 16.92 -11.78 13.10
CA TYR A 654 18.17 -11.09 12.73
C TYR A 654 18.19 -9.64 13.12
N THR A 655 19.29 -9.17 13.68
CA THR A 655 19.49 -7.75 13.82
C THR A 655 19.98 -7.24 12.47
N GLY A 656 19.85 -5.94 12.22
CA GLY A 656 20.46 -5.30 11.06
C GLY A 656 21.93 -5.62 11.00
N ARG A 657 22.61 -5.56 12.16
CA ARG A 657 24.03 -5.91 12.28
C ARG A 657 24.29 -7.31 11.69
N GLU A 658 23.68 -8.32 12.29
CA GLU A 658 23.89 -9.70 11.92
C GLU A 658 23.61 -9.99 10.46
N PHE A 659 22.54 -9.38 9.95
CA PHE A 659 22.12 -9.55 8.56
C PHE A 659 23.15 -8.97 7.61
N ASP A 660 23.77 -7.85 7.99
CA ASP A 660 24.80 -7.24 7.16
C ASP A 660 26.03 -8.14 7.12
N ASP A 661 26.31 -8.81 8.24
CA ASP A 661 27.48 -9.68 8.30
C ASP A 661 27.36 -10.97 7.50
N LEU A 662 26.17 -11.29 7.01
CA LEU A 662 25.98 -12.47 6.16
C LEU A 662 26.35 -12.11 4.73
N PRO A 663 26.96 -13.06 3.99
CA PRO A 663 27.22 -12.85 2.57
C PRO A 663 25.91 -12.76 1.80
N LEU A 664 25.95 -12.17 0.60
CA LEU A 664 24.73 -11.96 -0.19
C LEU A 664 23.80 -13.18 -0.31
N ALA A 665 24.38 -14.35 -0.57
CA ALA A 665 23.57 -15.57 -0.79
C ALA A 665 22.83 -16.01 0.48
N GLU A 666 23.50 -15.86 1.62
CA GLU A 666 22.93 -16.19 2.90
C GLU A 666 21.84 -15.20 3.30
N GLN A 667 21.97 -13.95 2.87
CA GLN A 667 20.95 -12.91 3.14
C GLN A 667 19.64 -13.23 2.43
N ARG A 668 19.72 -13.65 1.18
CA ARG A 668 18.53 -14.05 0.43
C ARG A 668 17.83 -15.20 1.14
N GLU A 669 18.62 -16.18 1.56
CA GLU A 669 18.15 -17.37 2.27
C GLU A 669 17.55 -16.98 3.64
N ALA A 670 18.21 -16.06 4.34
CA ALA A 670 17.68 -15.53 5.60
C ALA A 670 16.25 -14.97 5.44
N CYS A 671 16.01 -14.26 4.35
CA CYS A 671 14.74 -13.59 4.15
C CYS A 671 13.61 -14.56 3.91
N ARG A 672 13.91 -15.71 3.33
CA ARG A 672 12.86 -16.66 3.03
C ARG A 672 12.31 -17.32 4.31
N ARG A 673 13.16 -17.48 5.34
CA ARG A 673 12.74 -18.10 6.61
C ARG A 673 12.56 -17.15 7.82
N ALA A 674 13.15 -15.95 7.75
CA ALA A 674 13.11 -15.00 8.87
C ALA A 674 11.71 -14.44 9.11
N CYS A 675 11.36 -14.27 10.37
CA CYS A 675 10.09 -13.66 10.74
C CYS A 675 10.27 -12.43 11.62
N CYS A 676 11.51 -12.13 11.98
CA CYS A 676 11.80 -11.08 12.93
C CYS A 676 13.10 -10.38 12.57
N PHE A 677 13.01 -9.09 12.26
CA PHE A 677 14.19 -8.21 12.09
C PHE A 677 14.19 -7.16 13.18
N ALA A 678 15.32 -7.04 13.90
CA ALA A 678 15.50 -6.05 14.98
C ALA A 678 16.59 -5.04 14.58
N ARG A 679 16.38 -3.78 14.92
CA ARG A 679 17.39 -2.74 14.77
C ARG A 679 18.01 -2.83 13.36
N VAL A 680 17.20 -2.37 12.42
CA VAL A 680 17.49 -2.44 11.02
C VAL A 680 17.43 -1.02 10.48
N GLU A 681 18.06 -0.76 9.33
CA GLU A 681 18.05 0.60 8.78
C GLU A 681 17.05 0.70 7.62
N PRO A 682 16.79 1.94 7.13
CA PRO A 682 15.76 1.99 6.06
C PRO A 682 16.18 1.22 4.82
N SER A 683 17.48 1.19 4.51
CA SER A 683 17.96 0.35 3.39
C SER A 683 17.52 -1.11 3.48
N HIS A 684 17.50 -1.67 4.68
CA HIS A 684 17.12 -3.08 4.85
C HIS A 684 15.70 -3.39 4.35
N LYS A 685 14.75 -2.50 4.59
CA LYS A 685 13.38 -2.77 4.13
C LYS A 685 13.38 -2.97 2.62
N SER A 686 14.16 -2.17 1.91
CA SER A 686 14.27 -2.34 0.44
C SER A 686 14.93 -3.65 0.02
N LYS A 687 15.98 -4.05 0.73
CA LYS A 687 16.67 -5.30 0.42
C LYS A 687 15.75 -6.49 0.73
N ILE A 688 15.07 -6.43 1.87
CA ILE A 688 14.18 -7.49 2.26
C ILE A 688 13.14 -7.69 1.15
N VAL A 689 12.55 -6.59 0.68
CA VAL A 689 11.58 -6.67 -0.40
C VAL A 689 12.18 -7.29 -1.67
N GLU A 690 13.40 -6.91 -2.04
CA GLU A 690 14.08 -7.46 -3.21
C GLU A 690 14.27 -8.97 -3.09
N TYR A 691 14.88 -9.40 -1.98
CA TYR A 691 15.03 -10.82 -1.70
C TYR A 691 13.71 -11.58 -1.72
N LEU A 692 12.67 -10.99 -1.17
CA LEU A 692 11.37 -11.66 -1.14
C LEU A 692 10.80 -11.77 -2.55
N GLN A 693 11.06 -10.75 -3.37
CA GLN A 693 10.61 -10.76 -4.77
C GLN A 693 11.42 -11.75 -5.59
N SER A 694 12.61 -12.11 -5.12
CA SER A 694 13.38 -13.15 -5.80
C SER A 694 12.75 -14.54 -5.63
N TYR A 695 11.89 -14.74 -4.64
CA TYR A 695 11.18 -16.02 -4.53
C TYR A 695 9.74 -15.82 -4.95
N ASP A 696 9.49 -14.82 -5.79
CA ASP A 696 8.13 -14.52 -6.26
C ASP A 696 7.04 -14.25 -5.20
N GLU A 697 7.40 -14.01 -3.94
CA GLU A 697 6.43 -13.55 -2.94
C GLU A 697 5.70 -12.30 -3.41
N ILE A 698 4.45 -12.15 -3.03
CA ILE A 698 3.75 -10.88 -3.17
C ILE A 698 3.75 -10.27 -1.76
N THR A 699 4.50 -9.17 -1.61
CA THR A 699 4.86 -8.68 -0.29
C THR A 699 4.16 -7.38 0.05
N ALA A 700 3.58 -7.32 1.24
CA ALA A 700 3.14 -6.05 1.83
C ALA A 700 4.21 -5.56 2.83
N MET A 701 4.50 -4.25 2.80
CA MET A 701 5.47 -3.66 3.70
C MET A 701 4.86 -2.39 4.30
N THR A 702 4.99 -2.20 5.59
CA THR A 702 4.50 -0.97 6.19
C THR A 702 5.58 0.12 6.13
N GLY A 703 5.15 1.37 6.23
CA GLY A 703 6.04 2.52 6.29
C GLY A 703 5.35 3.78 6.78
N ASP A 704 6.13 4.79 7.19
CA ASP A 704 5.48 6.04 7.63
C ASP A 704 6.21 7.30 7.25
N GLY A 705 7.53 7.21 7.09
CA GLY A 705 8.33 8.43 6.88
C GLY A 705 8.83 8.50 5.48
N VAL A 706 9.45 9.61 5.12
CA VAL A 706 10.05 9.75 3.81
C VAL A 706 11.11 8.66 3.56
N ASN A 707 11.78 8.23 4.61
CA ASN A 707 12.80 7.19 4.49
C ASN A 707 12.18 5.82 4.11
N ASP A 708 10.88 5.65 4.40
CA ASP A 708 10.19 4.38 4.07
C ASP A 708 9.68 4.40 2.65
N ALA A 709 9.65 5.58 2.03
CA ALA A 709 9.07 5.75 0.71
C ALA A 709 9.64 4.79 -0.35
N PRO A 710 10.98 4.65 -0.45
CA PRO A 710 11.45 3.70 -1.47
C PRO A 710 10.90 2.30 -1.27
N ALA A 711 10.90 1.80 -0.04
CA ALA A 711 10.49 0.40 0.17
C ALA A 711 9.02 0.24 -0.08
N LEU A 712 8.24 1.26 0.29
CA LEU A 712 6.81 1.23 0.04
C LEU A 712 6.54 1.17 -1.46
N LYS A 713 7.34 1.90 -2.25
CA LYS A 713 7.21 1.90 -3.71
C LYS A 713 7.57 0.55 -4.27
N LYS A 714 8.63 -0.07 -3.74
CA LYS A 714 9.07 -1.37 -4.27
C LYS A 714 8.09 -2.52 -3.96
N ALA A 715 7.48 -2.52 -2.78
CA ALA A 715 6.60 -3.63 -2.41
C ALA A 715 5.36 -3.62 -3.28
N GLU A 716 4.87 -4.81 -3.60
CA GLU A 716 3.60 -4.96 -4.34
C GLU A 716 2.49 -4.22 -3.60
N ILE A 717 2.46 -4.32 -2.27
CA ILE A 717 1.53 -3.52 -1.47
C ILE A 717 2.27 -2.69 -0.41
N GLY A 718 2.64 -1.45 -0.78
CA GLY A 718 3.12 -0.50 0.20
C GLY A 718 1.96 -0.06 1.08
N ILE A 719 2.20 -0.05 2.39
CA ILE A 719 1.16 0.27 3.34
C ILE A 719 1.62 1.36 4.28
N ALA A 720 0.95 2.49 4.17
CA ALA A 720 1.28 3.67 4.96
C ALA A 720 0.38 3.82 6.17
N MET A 721 0.91 4.52 7.17
CA MET A 721 0.15 4.77 8.38
C MET A 721 -0.76 5.99 8.17
N GLY A 722 -1.97 5.90 8.68
CA GLY A 722 -2.87 7.07 8.73
C GLY A 722 -2.24 8.25 9.41
N SER A 723 -1.48 7.99 10.47
CA SER A 723 -0.84 9.05 11.23
C SER A 723 0.49 9.50 10.63
N GLY A 724 0.87 8.96 9.46
CA GLY A 724 2.21 9.18 8.93
C GLY A 724 2.32 10.38 8.00
N THR A 725 3.45 10.48 7.29
CA THR A 725 3.68 11.55 6.33
C THR A 725 2.90 11.35 5.03
N ALA A 726 2.55 12.46 4.41
CA ALA A 726 1.87 12.45 3.16
C ALA A 726 2.73 11.78 2.07
N VAL A 727 4.06 11.90 2.16
CA VAL A 727 4.92 11.28 1.17
C VAL A 727 4.78 9.75 1.22
N ALA A 728 4.82 9.19 2.43
CA ALA A 728 4.60 7.77 2.59
C ALA A 728 3.23 7.38 2.05
N LYS A 729 2.23 8.21 2.34
CA LYS A 729 0.89 7.94 1.81
C LYS A 729 0.88 7.88 0.30
N THR A 730 1.49 8.86 -0.36
CA THR A 730 1.40 8.91 -1.80
C THR A 730 2.27 7.84 -2.49
N ALA A 731 3.16 7.21 -1.73
CA ALA A 731 3.99 6.13 -2.27
C ALA A 731 3.36 4.76 -1.99
N SER A 732 2.20 4.73 -1.37
CA SER A 732 1.65 3.45 -0.95
C SER A 732 0.39 3.01 -1.73
N GLU A 733 0.10 1.72 -1.71
CA GLU A 733 -1.13 1.20 -2.32
C GLU A 733 -2.31 1.39 -1.38
N MET A 734 -2.02 1.38 -0.08
CA MET A 734 -3.05 1.40 0.95
C MET A 734 -2.59 2.23 2.13
N VAL A 735 -3.54 2.91 2.76
CA VAL A 735 -3.28 3.62 3.99
C VAL A 735 -4.16 3.03 5.08
N LEU A 736 -3.58 2.85 6.27
CA LEU A 736 -4.36 2.37 7.39
C LEU A 736 -4.75 3.58 8.20
N ALA A 737 -6.04 3.92 8.19
CA ALA A 737 -6.56 5.07 8.91
C ALA A 737 -6.46 4.90 10.44
N ASP A 738 -6.37 3.66 10.91
CA ASP A 738 -6.21 3.35 12.34
C ASP A 738 -4.82 2.78 12.71
N ASP A 739 -3.91 2.78 11.74
CA ASP A 739 -2.52 2.26 11.90
C ASP A 739 -2.44 0.78 12.24
N ASN A 740 -3.58 0.12 12.36
CA ASN A 740 -3.67 -1.22 12.95
C ASN A 740 -3.32 -2.32 11.96
N PHE A 741 -2.34 -3.15 12.31
CA PHE A 741 -2.00 -4.36 11.55
C PHE A 741 -3.24 -5.19 11.15
N SER A 742 -4.28 -5.13 11.98
CA SER A 742 -5.46 -5.98 11.77
C SER A 742 -6.26 -5.50 10.55
N THR A 743 -6.20 -4.21 10.32
CA THR A 743 -6.73 -3.63 9.11
C THR A 743 -6.09 -4.23 7.85
N ILE A 744 -4.81 -4.57 7.93
CA ILE A 744 -4.16 -5.23 6.80
C ILE A 744 -4.81 -6.58 6.51
N VAL A 745 -4.95 -7.40 7.55
CA VAL A 745 -5.45 -8.75 7.40
C VAL A 745 -6.88 -8.71 6.85
N ALA A 746 -7.70 -7.81 7.39
CA ALA A 746 -9.06 -7.62 6.93
C ALA A 746 -9.12 -7.10 5.49
N ALA A 747 -8.14 -6.28 5.08
CA ALA A 747 -8.09 -5.84 3.69
C ALA A 747 -7.74 -7.00 2.77
N VAL A 748 -6.89 -7.92 3.23
CA VAL A 748 -6.47 -9.01 2.37
C VAL A 748 -7.63 -9.95 2.07
N GLU A 749 -8.42 -10.22 3.11
CA GLU A 749 -9.58 -11.10 3.01
C GLU A 749 -10.58 -10.47 2.04
N GLU A 750 -10.81 -9.18 2.20
CA GLU A 750 -11.66 -8.43 1.30
C GLU A 750 -11.16 -8.55 -0.13
N GLY A 751 -9.85 -8.57 -0.30
CA GLY A 751 -9.24 -8.68 -1.62
C GLY A 751 -9.55 -10.04 -2.22
N ARG A 752 -9.45 -11.07 -1.40
CA ARG A 752 -9.70 -12.41 -1.85
C ARG A 752 -11.16 -12.56 -2.32
N ALA A 753 -12.08 -11.97 -1.58
CA ALA A 753 -13.52 -12.13 -1.86
C ALA A 753 -13.94 -11.30 -3.08
N ILE A 754 -13.40 -10.09 -3.20
CA ILE A 754 -13.69 -9.27 -4.36
C ILE A 754 -13.19 -10.01 -5.60
N TYR A 755 -11.97 -10.53 -5.53
CA TYR A 755 -11.38 -11.15 -6.73
C TYR A 755 -12.15 -12.37 -7.20
N ASN A 756 -12.63 -13.18 -6.26
CA ASN A 756 -13.41 -14.36 -6.59
C ASN A 756 -14.73 -14.02 -7.34
N ASN A 757 -15.39 -12.93 -6.94
CA ASN A 757 -16.48 -12.39 -7.68
C ASN A 757 -16.07 -11.85 -9.04
N MET A 758 -14.94 -11.15 -9.11
CA MET A 758 -14.47 -10.65 -10.39
C MET A 758 -14.28 -11.80 -11.37
N LYS A 759 -13.74 -12.91 -10.88
CA LYS A 759 -13.57 -14.11 -11.71
C LYS A 759 -14.88 -14.52 -12.37
N GLN A 760 -15.94 -14.59 -11.57
CA GLN A 760 -17.22 -15.01 -12.11
C GLN A 760 -17.68 -14.04 -13.21
N PHE A 761 -17.60 -12.74 -12.96
CA PHE A 761 -18.12 -11.83 -13.98
C PHE A 761 -17.20 -11.65 -15.20
N ILE A 762 -15.90 -11.86 -15.03
CA ILE A 762 -15.02 -11.92 -16.16
C ILE A 762 -15.34 -13.12 -17.05
N ARG A 763 -15.46 -14.28 -16.44
CA ARG A 763 -15.81 -15.51 -17.14
C ARG A 763 -17.18 -15.39 -17.83
N TYR A 764 -18.14 -14.77 -17.14
CA TYR A 764 -19.47 -14.55 -17.69
C TYR A 764 -19.51 -13.65 -18.91
N LEU A 765 -18.80 -12.52 -18.87
CA LEU A 765 -18.81 -11.59 -19.97
C LEU A 765 -18.03 -12.16 -21.12
N ILE A 766 -16.90 -12.77 -20.83
CA ILE A 766 -16.04 -13.22 -21.93
C ILE A 766 -16.68 -14.41 -22.62
N SER A 767 -17.31 -15.26 -21.82
CA SER A 767 -18.11 -16.38 -22.30
C SER A 767 -19.14 -15.96 -23.39
N SER A 768 -19.84 -14.86 -23.15
CA SER A 768 -20.80 -14.35 -24.12
C SER A 768 -20.14 -13.85 -25.40
N ASN A 769 -18.91 -13.35 -25.30
CA ASN A 769 -18.16 -12.90 -26.49
C ASN A 769 -17.79 -14.04 -27.44
N VAL A 770 -17.40 -15.17 -26.85
CA VAL A 770 -17.18 -16.40 -27.59
C VAL A 770 -18.50 -16.80 -28.27
N GLY A 771 -19.59 -16.84 -27.50
CA GLY A 771 -20.92 -17.17 -27.99
C GLY A 771 -21.34 -16.32 -29.17
N GLU A 772 -21.04 -15.02 -29.09
CA GLU A 772 -21.36 -14.06 -30.13
C GLU A 772 -20.54 -14.30 -31.39
N VAL A 773 -19.24 -14.48 -31.23
CA VAL A 773 -18.37 -14.77 -32.36
C VAL A 773 -18.79 -16.03 -33.12
N VAL A 774 -19.14 -17.10 -32.41
CA VAL A 774 -19.62 -18.31 -33.09
C VAL A 774 -20.82 -17.98 -34.02
N CYS A 775 -21.73 -17.16 -33.52
CA CYS A 775 -22.85 -16.65 -34.32
C CYS A 775 -22.38 -15.97 -35.59
N ILE A 776 -21.48 -14.99 -35.48
CA ILE A 776 -20.97 -14.29 -36.64
C ILE A 776 -20.23 -15.23 -37.58
N PHE A 777 -19.46 -16.16 -37.02
CA PHE A 777 -18.69 -17.06 -37.84
C PHE A 777 -19.61 -18.08 -38.50
N LEU A 778 -20.61 -18.53 -37.76
CA LEU A 778 -21.63 -19.39 -38.35
C LEU A 778 -22.31 -18.68 -39.52
N THR A 779 -22.66 -17.41 -39.32
CA THR A 779 -23.44 -16.66 -40.30
C THR A 779 -22.64 -16.58 -41.61
N ALA A 780 -21.34 -16.30 -41.51
CA ALA A 780 -20.49 -16.13 -42.68
C ALA A 780 -20.09 -17.46 -43.30
N ALA A 781 -20.14 -18.50 -42.50
CA ALA A 781 -19.83 -19.85 -42.96
C ALA A 781 -20.94 -20.37 -43.85
N LEU A 782 -22.19 -20.21 -43.40
CA LEU A 782 -23.33 -20.78 -44.10
C LEU A 782 -23.96 -19.83 -45.14
N GLY A 783 -23.34 -18.67 -45.35
CA GLY A 783 -23.85 -17.64 -46.27
C GLY A 783 -25.21 -17.04 -45.90
N LEU A 784 -25.49 -16.98 -44.60
CA LEU A 784 -26.76 -16.47 -44.08
C LEU A 784 -26.78 -14.95 -43.95
N PRO A 785 -27.98 -14.35 -43.90
CA PRO A 785 -28.11 -12.94 -43.55
C PRO A 785 -27.69 -12.76 -42.12
N GLU A 786 -27.08 -11.62 -41.84
CA GLU A 786 -26.63 -11.30 -40.50
C GLU A 786 -27.77 -11.52 -39.51
N ALA A 787 -27.51 -12.34 -38.49
CA ALA A 787 -28.46 -12.50 -37.41
C ALA A 787 -28.36 -11.31 -36.44
N LEU A 788 -27.15 -10.79 -36.22
CA LEU A 788 -26.94 -9.69 -35.27
C LEU A 788 -26.00 -8.66 -35.84
N ILE A 789 -26.28 -7.40 -35.55
CA ILE A 789 -25.44 -6.32 -36.06
C ILE A 789 -24.72 -5.62 -34.91
N PRO A 790 -23.60 -4.94 -35.22
CA PRO A 790 -22.75 -4.38 -34.18
C PRO A 790 -23.56 -3.66 -33.11
N VAL A 791 -24.45 -2.76 -33.56
CA VAL A 791 -25.22 -1.91 -32.67
C VAL A 791 -25.98 -2.74 -31.60
N GLN A 792 -26.60 -3.83 -32.03
CA GLN A 792 -27.24 -4.77 -31.11
C GLN A 792 -26.27 -5.37 -30.10
N LEU A 793 -25.18 -5.95 -30.61
CA LEU A 793 -24.16 -6.59 -29.80
C LEU A 793 -23.60 -5.61 -28.77
N LEU A 794 -23.39 -4.37 -29.22
CA LEU A 794 -22.90 -3.29 -28.38
C LEU A 794 -23.85 -2.96 -27.24
N TRP A 795 -25.15 -2.95 -27.51
CA TRP A 795 -26.11 -2.72 -26.43
C TRP A 795 -26.08 -3.89 -25.43
N VAL A 796 -25.95 -5.11 -25.94
CA VAL A 796 -25.89 -6.26 -25.08
C VAL A 796 -24.65 -6.27 -24.20
N ASN A 797 -23.51 -5.91 -24.79
CA ASN A 797 -22.23 -5.98 -24.11
C ASN A 797 -22.04 -4.85 -23.12
N LEU A 798 -22.70 -3.74 -23.36
CA LEU A 798 -22.55 -2.57 -22.52
C LEU A 798 -23.65 -2.57 -21.49
N VAL A 799 -24.87 -2.89 -21.92
CA VAL A 799 -26.00 -2.72 -21.04
C VAL A 799 -26.57 -4.07 -20.59
N THR A 800 -27.16 -4.82 -21.51
CA THR A 800 -27.84 -6.06 -21.13
C THR A 800 -27.02 -6.98 -20.23
N ASP A 801 -25.78 -7.26 -20.59
CA ASP A 801 -24.96 -8.13 -19.76
C ASP A 801 -24.18 -7.36 -18.68
N GLY A 802 -24.07 -6.05 -18.85
CA GLY A 802 -23.31 -5.21 -17.93
C GLY A 802 -23.89 -5.19 -16.52
N LEU A 803 -25.22 -5.17 -16.45
CA LEU A 803 -25.90 -5.21 -15.17
C LEU A 803 -25.74 -6.52 -14.40
N PRO A 804 -25.98 -7.68 -15.05
CA PRO A 804 -25.83 -8.93 -14.31
C PRO A 804 -24.37 -9.20 -13.92
N ALA A 805 -23.44 -8.84 -14.81
CA ALA A 805 -22.02 -8.91 -14.49
C ALA A 805 -21.72 -8.15 -13.19
N THR A 806 -22.26 -6.95 -13.09
CA THR A 806 -22.05 -6.07 -11.96
C THR A 806 -22.68 -6.68 -10.71
N ALA A 807 -23.83 -7.30 -10.87
CA ALA A 807 -24.48 -7.98 -9.79
C ALA A 807 -23.69 -9.20 -9.30
N LEU A 808 -22.96 -9.85 -10.21
CA LEU A 808 -22.15 -11.02 -9.83
C LEU A 808 -20.99 -10.62 -8.93
N GLY A 809 -20.55 -9.36 -9.04
CA GLY A 809 -19.61 -8.76 -8.10
C GLY A 809 -20.10 -8.86 -6.66
N PHE A 810 -21.41 -8.92 -6.48
CA PHE A 810 -21.99 -9.03 -5.14
C PHE A 810 -22.24 -10.48 -4.69
N ASN A 811 -21.69 -11.47 -5.40
CA ASN A 811 -21.82 -12.86 -4.97
C ASN A 811 -21.33 -13.04 -3.52
N PRO A 812 -22.12 -13.74 -2.69
CA PRO A 812 -21.68 -14.01 -1.32
C PRO A 812 -20.30 -14.70 -1.32
N PRO A 813 -19.46 -14.37 -0.33
CA PRO A 813 -18.13 -14.96 -0.40
C PRO A 813 -18.15 -16.33 0.20
N ASP A 814 -17.25 -17.21 -0.26
CA ASP A 814 -17.08 -18.50 0.39
C ASP A 814 -16.62 -18.36 1.86
N LEU A 815 -17.14 -19.24 2.71
CA LEU A 815 -16.88 -19.26 4.15
C LEU A 815 -15.42 -19.57 4.51
N ASP A 816 -14.74 -20.30 3.62
CA ASP A 816 -13.35 -20.74 3.83
C ASP A 816 -12.30 -19.90 3.05
N ILE A 817 -12.66 -18.64 2.79
CA ILE A 817 -11.82 -17.68 2.05
C ILE A 817 -10.40 -17.57 2.66
N MET A 818 -10.34 -17.54 3.99
CA MET A 818 -9.08 -17.39 4.70
C MET A 818 -8.50 -18.71 5.18
N ASP A 819 -9.00 -19.81 4.62
CA ASP A 819 -8.54 -21.16 5.01
C ASP A 819 -7.76 -21.84 3.89
N ARG A 820 -7.36 -21.04 2.92
CA ARG A 820 -6.66 -21.51 1.75
C ARG A 820 -5.41 -20.67 1.49
N PRO A 821 -4.37 -21.26 0.86
CA PRO A 821 -3.13 -20.53 0.61
C PRO A 821 -3.36 -19.33 -0.31
N PRO A 822 -2.40 -18.39 -0.37
CA PRO A 822 -2.60 -17.30 -1.30
C PRO A 822 -2.69 -17.80 -2.75
N ARG A 823 -3.58 -17.18 -3.52
CA ARG A 823 -3.76 -17.53 -4.91
C ARG A 823 -2.48 -17.30 -5.70
N SER A 824 -2.11 -18.27 -6.53
CA SER A 824 -0.95 -18.08 -7.40
C SER A 824 -1.20 -16.96 -8.40
N PRO A 825 -0.24 -16.05 -8.56
CA PRO A 825 -0.43 -14.92 -9.45
C PRO A 825 -0.57 -15.38 -10.90
N LYS A 826 0.00 -16.54 -11.22
CA LYS A 826 0.04 -17.03 -12.61
C LYS A 826 -1.17 -17.91 -12.96
N GLU A 827 -2.11 -18.06 -12.03
CA GLU A 827 -3.26 -18.95 -12.23
C GLU A 827 -4.26 -18.38 -13.25
N PRO A 828 -4.57 -19.15 -14.32
CA PRO A 828 -5.43 -18.68 -15.42
C PRO A 828 -6.87 -18.51 -14.97
N LEU A 829 -7.57 -17.54 -15.55
CA LEU A 829 -8.98 -17.37 -15.23
C LEU A 829 -9.84 -18.47 -15.88
N ILE A 830 -9.44 -18.92 -17.07
CA ILE A 830 -10.13 -19.99 -17.78
C ILE A 830 -9.13 -20.98 -18.37
N SER A 831 -9.30 -22.26 -18.05
CA SER A 831 -8.39 -23.29 -18.51
C SER A 831 -9.01 -24.66 -18.33
N GLY A 832 -8.42 -25.65 -18.99
CA GLY A 832 -8.80 -27.04 -18.80
C GLY A 832 -10.27 -27.32 -19.02
N TRP A 833 -10.91 -27.98 -18.06
CA TRP A 833 -12.34 -28.34 -18.19
C TRP A 833 -13.23 -27.13 -18.40
N LEU A 834 -12.91 -26.04 -17.73
CA LEU A 834 -13.67 -24.80 -17.85
C LEU A 834 -13.65 -24.27 -19.29
N PHE A 835 -12.46 -24.26 -19.87
CA PHE A 835 -12.28 -23.96 -21.27
C PHE A 835 -13.30 -24.74 -22.13
N PHE A 836 -13.30 -26.06 -21.96
CA PHE A 836 -14.25 -26.92 -22.64
C PHE A 836 -15.70 -26.48 -22.39
N ARG A 837 -16.05 -26.20 -21.14
CA ARG A 837 -17.40 -25.73 -20.84
C ARG A 837 -17.80 -24.53 -21.70
N TYR A 838 -16.95 -23.50 -21.72
CA TYR A 838 -17.25 -22.27 -22.47
C TYR A 838 -17.11 -22.45 -23.96
N MET A 839 -16.31 -23.43 -24.36
CA MET A 839 -16.32 -23.91 -25.72
C MET A 839 -17.73 -24.35 -26.11
N ALA A 840 -18.31 -25.25 -25.31
CA ALA A 840 -19.61 -25.85 -25.56
C ALA A 840 -20.75 -24.83 -25.48
N ILE A 841 -20.73 -24.00 -24.43
CA ILE A 841 -21.72 -22.92 -24.29
C ILE A 841 -21.64 -22.02 -25.50
N GLY A 842 -20.42 -21.63 -25.86
CA GLY A 842 -20.18 -20.78 -27.02
C GLY A 842 -20.82 -21.33 -28.28
N GLY A 843 -20.60 -22.62 -28.52
CA GLY A 843 -21.13 -23.31 -29.69
C GLY A 843 -22.63 -23.39 -29.64
N TYR A 844 -23.16 -23.69 -28.46
CA TYR A 844 -24.59 -23.68 -28.25
C TYR A 844 -25.15 -22.32 -28.59
N VAL A 845 -24.63 -21.27 -27.95
CA VAL A 845 -25.13 -19.92 -28.15
C VAL A 845 -25.05 -19.47 -29.62
N GLY A 846 -23.97 -19.85 -30.30
CA GLY A 846 -23.80 -19.52 -31.71
C GLY A 846 -24.91 -20.15 -32.53
N ALA A 847 -25.15 -21.43 -32.26
CA ALA A 847 -26.17 -22.17 -32.95
C ALA A 847 -27.56 -21.64 -32.61
N ALA A 848 -27.78 -21.32 -31.34
CA ALA A 848 -29.10 -20.89 -30.89
C ALA A 848 -29.54 -19.58 -31.52
N THR A 849 -28.63 -18.61 -31.63
CA THR A 849 -28.95 -17.32 -32.26
C THR A 849 -29.16 -17.41 -33.77
N VAL A 850 -28.22 -18.06 -34.47
CA VAL A 850 -28.30 -18.29 -35.91
C VAL A 850 -29.59 -19.05 -36.20
N GLY A 851 -29.86 -20.05 -35.35
CA GLY A 851 -31.08 -20.84 -35.40
C GLY A 851 -32.34 -20.01 -35.39
N ALA A 852 -32.49 -19.15 -34.38
CA ALA A 852 -33.70 -18.34 -34.24
C ALA A 852 -33.99 -17.44 -35.45
N ALA A 853 -32.95 -16.80 -36.00
CA ALA A 853 -33.07 -15.97 -37.19
C ALA A 853 -33.48 -16.82 -38.39
N ALA A 854 -32.77 -17.93 -38.56
CA ALA A 854 -33.04 -18.89 -39.63
C ALA A 854 -34.40 -19.63 -39.46
N TRP A 855 -34.86 -19.81 -38.22
CA TRP A 855 -36.18 -20.38 -37.97
C TRP A 855 -37.28 -19.43 -38.40
N TRP A 856 -37.07 -18.14 -38.21
CA TRP A 856 -38.09 -17.19 -38.60
C TRP A 856 -38.22 -17.15 -40.10
N PHE A 857 -37.07 -17.06 -40.79
CA PHE A 857 -37.06 -17.04 -42.23
C PHE A 857 -37.76 -18.26 -42.82
N MET A 858 -37.62 -19.41 -42.16
CA MET A 858 -38.17 -20.66 -42.68
C MET A 858 -39.52 -21.06 -42.05
N TYR A 859 -39.49 -21.78 -40.92
CA TYR A 859 -40.67 -22.45 -40.37
C TYR A 859 -41.72 -21.55 -39.68
N ALA A 860 -41.42 -20.26 -39.56
CA ALA A 860 -42.35 -19.33 -38.89
C ALA A 860 -43.44 -18.89 -39.85
N GLU A 861 -44.67 -18.82 -39.34
CA GLU A 861 -45.84 -18.52 -40.17
C GLU A 861 -46.14 -17.02 -40.24
N ASP A 862 -45.29 -16.21 -39.62
CA ASP A 862 -45.37 -14.76 -39.79
C ASP A 862 -44.47 -14.33 -40.92
N GLY A 863 -43.47 -15.16 -41.21
CA GLY A 863 -42.50 -14.89 -42.26
C GLY A 863 -42.65 -15.85 -43.42
N PRO A 864 -41.86 -15.63 -44.49
CA PRO A 864 -42.07 -16.42 -45.68
C PRO A 864 -41.61 -17.85 -45.47
N GLY A 865 -42.52 -18.70 -44.97
CA GLY A 865 -42.21 -20.10 -44.67
C GLY A 865 -41.44 -20.85 -45.74
N VAL A 866 -40.21 -20.38 -46.02
CA VAL A 866 -39.33 -21.00 -47.03
C VAL A 866 -38.51 -22.17 -46.44
N THR A 867 -39.24 -23.24 -46.07
CA THR A 867 -38.69 -24.39 -45.31
C THR A 867 -37.72 -25.29 -46.11
N TYR A 868 -36.49 -25.39 -45.62
CA TYR A 868 -35.36 -25.99 -46.36
C TYR A 868 -35.07 -25.25 -47.66
N HIS A 869 -35.63 -24.05 -47.81
CA HIS A 869 -35.48 -23.27 -49.02
C HIS A 869 -34.10 -22.66 -49.06
N GLN A 870 -33.51 -22.54 -47.88
CA GLN A 870 -32.13 -22.13 -47.71
C GLN A 870 -31.80 -20.73 -48.24
N LEU A 871 -31.43 -19.89 -47.28
CA LEU A 871 -30.84 -18.58 -47.51
C LEU A 871 -29.42 -18.78 -48.01
N THR A 872 -28.87 -19.96 -47.68
CA THR A 872 -27.63 -20.48 -48.25
C THR A 872 -27.60 -20.09 -49.70
N HIS A 873 -28.56 -20.65 -50.46
CA HIS A 873 -28.71 -20.43 -51.88
C HIS A 873 -28.23 -19.05 -52.31
N PHE A 874 -29.01 -18.01 -52.03
CA PHE A 874 -28.62 -16.65 -52.40
C PHE A 874 -28.97 -15.54 -51.41
N MET A 875 -28.31 -14.42 -51.64
CA MET A 875 -28.67 -13.12 -51.15
C MET A 875 -28.28 -12.21 -52.30
N GLN A 876 -28.50 -12.74 -53.50
CA GLN A 876 -28.18 -12.09 -54.76
C GLN A 876 -29.37 -11.30 -55.28
N CYS A 877 -30.43 -12.03 -55.63
CA CYS A 877 -31.72 -11.48 -56.09
C CYS A 877 -31.64 -10.64 -57.38
N THR A 878 -31.22 -11.32 -58.45
CA THR A 878 -31.53 -10.91 -59.82
C THR A 878 -31.77 -12.20 -60.61
N GLU A 879 -31.47 -13.34 -59.99
CA GLU A 879 -31.70 -14.65 -60.62
C GLU A 879 -33.12 -15.16 -60.40
N ASP A 880 -33.74 -14.76 -59.29
CA ASP A 880 -35.14 -15.08 -59.02
C ASP A 880 -35.49 -16.53 -59.42
N HIS A 881 -34.66 -17.47 -59.00
CA HIS A 881 -34.84 -18.88 -59.34
C HIS A 881 -36.06 -19.48 -58.64
N PRO A 882 -35.97 -19.68 -57.31
CA PRO A 882 -36.92 -20.55 -56.60
C PRO A 882 -38.18 -19.86 -56.05
N HIS A 883 -38.43 -18.61 -56.48
CA HIS A 883 -39.71 -17.92 -56.29
C HIS A 883 -40.32 -17.87 -57.70
N PHE A 884 -41.04 -18.93 -58.08
CA PHE A 884 -41.60 -19.11 -59.45
C PHE A 884 -42.59 -18.03 -59.95
N GLU A 885 -43.22 -17.28 -59.02
CA GLU A 885 -44.18 -16.20 -59.34
C GLU A 885 -44.38 -15.17 -58.19
N GLY A 886 -44.37 -13.88 -58.54
CA GLY A 886 -44.60 -12.80 -57.57
C GLY A 886 -43.77 -11.55 -57.84
N LEU A 887 -43.76 -10.63 -56.87
CA LEU A 887 -42.94 -9.40 -56.92
C LEU A 887 -42.47 -8.91 -55.52
N ASP A 888 -41.82 -9.79 -54.74
CA ASP A 888 -41.20 -9.45 -53.41
C ASP A 888 -39.88 -10.17 -53.07
N CYS A 889 -38.86 -9.39 -52.66
CA CYS A 889 -37.53 -9.96 -52.39
C CYS A 889 -36.77 -9.45 -51.16
N GLU A 890 -36.66 -8.13 -50.99
CA GLU A 890 -35.80 -7.57 -49.93
C GLU A 890 -36.30 -7.81 -48.50
N ILE A 891 -36.97 -8.93 -48.29
CA ILE A 891 -37.37 -9.40 -46.96
C ILE A 891 -36.16 -10.03 -46.23
N PHE A 892 -35.01 -10.05 -46.92
CA PHE A 892 -33.75 -10.52 -46.34
C PHE A 892 -33.16 -9.55 -45.32
N GLU A 893 -33.70 -8.33 -45.28
CA GLU A 893 -33.28 -7.30 -44.34
C GLU A 893 -34.30 -7.10 -43.20
N ALA A 894 -35.25 -8.02 -43.07
CA ALA A 894 -36.32 -7.89 -42.06
C ALA A 894 -35.79 -7.75 -40.62
N PRO A 895 -36.46 -6.91 -39.79
CA PRO A 895 -36.03 -6.75 -38.40
C PRO A 895 -36.48 -7.88 -37.47
N GLU A 896 -37.51 -8.62 -37.87
CA GLU A 896 -38.05 -9.72 -37.05
C GLU A 896 -37.04 -10.83 -36.73
N PRO A 897 -36.30 -11.34 -37.73
CA PRO A 897 -35.35 -12.44 -37.43
C PRO A 897 -34.12 -11.97 -36.64
N MET A 898 -33.82 -10.68 -36.72
CA MET A 898 -32.80 -10.11 -35.86
C MET A 898 -33.31 -10.04 -34.45
N THR A 899 -34.60 -9.75 -34.31
CA THR A 899 -35.21 -9.69 -33.01
C THR A 899 -35.27 -11.08 -32.37
N MET A 900 -35.43 -12.11 -33.18
CA MET A 900 -35.41 -13.49 -32.68
C MET A 900 -34.05 -13.82 -32.08
N ALA A 901 -33.01 -13.56 -32.85
CA ALA A 901 -31.64 -13.83 -32.44
C ALA A 901 -31.26 -13.07 -31.17
N LEU A 902 -31.52 -11.76 -31.18
CA LEU A 902 -31.20 -10.87 -30.08
C LEU A 902 -31.87 -11.26 -28.76
N SER A 903 -33.16 -11.60 -28.83
CA SER A 903 -33.90 -12.01 -27.66
C SER A 903 -33.46 -13.37 -27.17
N VAL A 904 -32.90 -14.17 -28.07
CA VAL A 904 -32.30 -15.43 -27.69
C VAL A 904 -31.01 -15.17 -26.93
N LEU A 905 -30.15 -14.33 -27.53
CA LEU A 905 -28.92 -13.90 -26.90
C LEU A 905 -29.21 -13.30 -25.53
N VAL A 906 -30.11 -12.33 -25.50
CA VAL A 906 -30.45 -11.72 -24.24
C VAL A 906 -30.84 -12.78 -23.23
N THR A 907 -31.85 -13.59 -23.56
CA THR A 907 -32.37 -14.60 -22.62
C THR A 907 -31.30 -15.58 -22.18
N ILE A 908 -30.54 -16.12 -23.13
CA ILE A 908 -29.48 -17.05 -22.76
C ILE A 908 -28.54 -16.39 -21.73
N GLU A 909 -28.13 -15.16 -22.01
CA GLU A 909 -27.24 -14.45 -21.11
C GLU A 909 -27.81 -14.24 -19.72
N MET A 910 -29.12 -14.03 -19.61
CA MET A 910 -29.74 -13.96 -18.30
C MET A 910 -29.62 -15.30 -17.63
N CYS A 911 -29.90 -16.37 -18.39
CA CYS A 911 -29.71 -17.73 -17.91
C CYS A 911 -28.26 -17.99 -17.48
N ASN A 912 -27.32 -17.54 -18.30
CA ASN A 912 -25.93 -17.83 -18.03
C ASN A 912 -25.32 -17.03 -16.87
N ALA A 913 -25.92 -15.88 -16.58
CA ALA A 913 -25.64 -15.12 -15.37
C ALA A 913 -25.99 -15.93 -14.12
N LEU A 914 -27.09 -16.69 -14.18
CA LEU A 914 -27.41 -17.65 -13.13
C LEU A 914 -26.40 -18.78 -13.05
N ASN A 915 -26.06 -19.36 -14.21
CA ASN A 915 -24.99 -20.37 -14.31
C ASN A 915 -23.67 -19.91 -13.67
N SER A 916 -23.44 -18.60 -13.64
CA SER A 916 -22.18 -17.99 -13.18
C SER A 916 -22.10 -17.67 -11.68
N LEU A 917 -23.17 -17.91 -10.93
CA LEU A 917 -23.16 -17.68 -9.49
C LEU A 917 -22.09 -18.50 -8.82
N SER A 918 -21.96 -19.73 -9.30
CA SER A 918 -20.96 -20.65 -8.80
C SER A 918 -20.26 -21.33 -9.97
N GLU A 919 -18.96 -21.47 -9.88
CA GLU A 919 -18.20 -22.26 -10.85
C GLU A 919 -18.74 -23.70 -11.00
N ASN A 920 -18.78 -24.45 -9.90
CA ASN A 920 -19.15 -25.87 -9.97
C ASN A 920 -20.43 -26.30 -9.26
N GLN A 921 -20.98 -25.48 -8.37
CA GLN A 921 -22.21 -25.87 -7.65
C GLN A 921 -23.45 -25.75 -8.53
N SER A 922 -24.26 -26.81 -8.53
CA SER A 922 -25.55 -26.80 -9.20
C SER A 922 -26.47 -25.73 -8.61
N LEU A 923 -27.43 -25.30 -9.43
CA LEU A 923 -28.46 -24.40 -8.95
C LEU A 923 -29.41 -25.11 -7.97
N MET A 924 -29.27 -26.43 -7.84
CA MET A 924 -30.07 -27.22 -6.90
C MET A 924 -29.52 -27.12 -5.47
N ARG A 925 -28.25 -26.73 -5.35
CA ARG A 925 -27.56 -26.49 -4.07
C ARG A 925 -27.31 -25.01 -3.84
N MET A 926 -26.96 -24.29 -4.89
CA MET A 926 -26.81 -22.85 -4.80
C MET A 926 -27.81 -22.20 -5.73
N PRO A 927 -29.00 -21.89 -5.21
CA PRO A 927 -30.11 -21.32 -5.98
C PRO A 927 -29.90 -19.85 -6.35
N PRO A 928 -30.64 -19.35 -7.35
CA PRO A 928 -30.61 -17.96 -7.78
C PRO A 928 -30.79 -16.94 -6.66
N TRP A 929 -31.73 -17.17 -5.76
CA TRP A 929 -32.01 -16.19 -4.72
C TRP A 929 -30.88 -16.02 -3.70
N VAL A 930 -29.81 -16.80 -3.88
CA VAL A 930 -28.57 -16.63 -3.12
C VAL A 930 -27.97 -15.22 -3.33
N ASN A 931 -28.40 -14.55 -4.39
CA ASN A 931 -27.98 -13.17 -4.70
C ASN A 931 -29.17 -12.36 -5.25
N ILE A 932 -29.73 -11.51 -4.37
CA ILE A 932 -30.93 -10.73 -4.68
C ILE A 932 -30.61 -9.71 -5.77
N TRP A 933 -29.48 -9.04 -5.64
CA TRP A 933 -29.06 -8.08 -6.66
C TRP A 933 -29.09 -8.68 -8.06
N LEU A 934 -28.65 -9.93 -8.19
CA LEU A 934 -28.63 -10.59 -9.49
C LEU A 934 -30.04 -10.75 -10.09
N LEU A 935 -30.98 -11.30 -9.33
CA LEU A 935 -32.36 -11.37 -9.80
C LEU A 935 -32.84 -9.98 -10.22
N GLY A 936 -32.58 -9.01 -9.35
CA GLY A 936 -32.96 -7.62 -9.58
C GLY A 936 -32.41 -7.04 -10.86
N SER A 937 -31.14 -7.34 -11.14
CA SER A 937 -30.50 -6.86 -12.36
C SER A 937 -31.13 -7.52 -13.60
N ILE A 938 -31.40 -8.82 -13.52
CA ILE A 938 -32.01 -9.57 -14.61
C ILE A 938 -33.39 -9.02 -14.97
N CYS A 939 -34.13 -8.54 -13.97
CA CYS A 939 -35.40 -7.89 -14.22
C CYS A 939 -35.20 -6.55 -14.87
N LEU A 940 -34.08 -5.90 -14.57
CA LEU A 940 -33.81 -4.59 -15.14
C LEU A 940 -33.40 -4.67 -16.60
N SER A 941 -32.59 -5.68 -16.94
CA SER A 941 -32.11 -5.88 -18.31
C SER A 941 -33.24 -6.24 -19.26
N MET A 942 -34.16 -7.09 -18.79
CA MET A 942 -35.28 -7.52 -19.61
C MET A 942 -36.21 -6.36 -19.87
N SER A 943 -36.42 -5.54 -18.84
CA SER A 943 -37.19 -4.31 -18.95
C SER A 943 -36.64 -3.38 -20.00
N LEU A 944 -35.31 -3.32 -20.09
CA LEU A 944 -34.62 -2.48 -21.04
C LEU A 944 -34.67 -3.08 -22.43
N HIS A 945 -34.79 -4.40 -22.50
CA HIS A 945 -34.91 -5.08 -23.77
C HIS A 945 -36.27 -4.76 -24.39
N PHE A 946 -37.28 -4.65 -23.54
CA PHE A 946 -38.59 -4.22 -23.98
C PHE A 946 -38.54 -2.75 -24.37
N LEU A 947 -37.74 -1.97 -23.67
CA LEU A 947 -37.60 -0.55 -23.95
C LEU A 947 -37.19 -0.33 -25.40
N ILE A 948 -36.16 -1.05 -25.85
CA ILE A 948 -35.65 -0.90 -27.22
C ILE A 948 -36.53 -1.59 -28.23
N LEU A 949 -37.42 -2.47 -27.76
CA LEU A 949 -38.36 -3.15 -28.64
C LEU A 949 -39.59 -2.31 -28.96
N TYR A 950 -39.90 -1.36 -28.08
CA TYR A 950 -41.18 -0.66 -28.10
C TYR A 950 -41.06 0.84 -28.24
N VAL A 951 -40.21 1.46 -27.43
CA VAL A 951 -40.13 2.93 -27.38
C VAL A 951 -39.59 3.49 -28.69
N ASP A 952 -40.52 3.99 -29.50
CA ASP A 952 -40.39 4.13 -30.96
C ASP A 952 -39.06 4.62 -31.56
N PRO A 953 -38.43 5.65 -30.99
CA PRO A 953 -37.18 5.99 -31.66
C PRO A 953 -36.23 4.78 -31.77
N LEU A 954 -36.23 3.91 -30.75
CA LEU A 954 -35.23 2.84 -30.57
C LEU A 954 -35.35 1.59 -31.46
N PRO A 955 -36.56 1.02 -31.60
CA PRO A 955 -36.73 -0.13 -32.48
C PRO A 955 -36.13 0.07 -33.86
N MET A 956 -36.27 1.28 -34.40
CA MET A 956 -35.78 1.58 -35.72
C MET A 956 -34.26 1.66 -35.70
N ILE A 957 -33.71 2.33 -34.69
CA ILE A 957 -32.28 2.50 -34.51
C ILE A 957 -31.53 1.16 -34.44
N PHE A 958 -32.08 0.24 -33.66
CA PHE A 958 -31.49 -1.08 -33.47
C PHE A 958 -31.89 -2.08 -34.55
N LYS A 959 -32.85 -1.69 -35.39
CA LYS A 959 -33.42 -2.56 -36.43
C LYS A 959 -34.12 -3.80 -35.85
N LEU A 960 -35.15 -3.53 -35.06
CA LEU A 960 -35.90 -4.58 -34.37
C LEU A 960 -37.40 -4.37 -34.48
N LYS A 961 -38.18 -5.43 -34.26
CA LYS A 961 -39.65 -5.33 -34.22
C LYS A 961 -40.23 -6.18 -33.11
N ALA A 962 -41.11 -5.56 -32.31
CA ALA A 962 -41.78 -6.21 -31.19
C ALA A 962 -42.23 -7.64 -31.53
N LEU A 963 -41.89 -8.59 -30.66
CA LEU A 963 -42.15 -10.00 -30.93
C LEU A 963 -43.56 -10.44 -30.57
N ASP A 964 -43.94 -11.59 -31.14
CA ASP A 964 -45.23 -12.23 -30.94
C ASP A 964 -45.13 -13.15 -29.74
N LEU A 965 -46.23 -13.34 -29.02
CA LEU A 965 -46.28 -14.26 -27.88
C LEU A 965 -45.87 -15.67 -28.30
N THR A 966 -46.09 -15.99 -29.57
CA THR A 966 -45.67 -17.25 -30.16
C THR A 966 -44.15 -17.28 -30.31
N GLN A 967 -43.61 -16.17 -30.82
CA GLN A 967 -42.20 -16.04 -31.11
C GLN A 967 -41.36 -15.96 -29.82
N TRP A 968 -41.91 -15.30 -28.80
CA TRP A 968 -41.30 -15.29 -27.48
C TRP A 968 -41.20 -16.68 -26.92
N LEU A 969 -42.23 -17.48 -27.15
CA LEU A 969 -42.27 -18.83 -26.63
C LEU A 969 -41.18 -19.70 -27.28
N MET A 970 -40.88 -19.43 -28.54
CA MET A 970 -39.77 -20.08 -29.22
C MET A 970 -38.44 -19.60 -28.63
N VAL A 971 -38.31 -18.29 -28.42
CA VAL A 971 -37.16 -17.71 -27.73
C VAL A 971 -36.87 -18.51 -26.46
N LEU A 972 -37.90 -18.71 -25.61
CA LEU A 972 -37.77 -19.46 -24.38
C LEU A 972 -37.42 -20.94 -24.61
N LYS A 973 -38.15 -21.59 -25.52
CA LYS A 973 -37.88 -22.99 -25.91
C LYS A 973 -36.38 -23.23 -26.18
N ILE A 974 -35.78 -22.38 -27.00
CA ILE A 974 -34.41 -22.54 -27.43
C ILE A 974 -33.38 -22.01 -26.40
N SER A 975 -33.76 -21.00 -25.61
CA SER A 975 -32.84 -20.35 -24.68
C SER A 975 -32.64 -21.07 -23.35
N LEU A 976 -33.72 -21.58 -22.77
CA LEU A 976 -33.70 -22.21 -21.44
C LEU A 976 -32.79 -23.43 -21.29
N PRO A 977 -32.62 -24.23 -22.35
CA PRO A 977 -31.83 -25.45 -22.18
C PRO A 977 -30.38 -25.18 -21.80
N VAL A 978 -29.85 -24.00 -22.13
CA VAL A 978 -28.47 -23.65 -21.77
C VAL A 978 -28.18 -23.92 -20.27
N ILE A 979 -29.23 -23.84 -19.44
CA ILE A 979 -29.14 -24.16 -18.04
C ILE A 979 -28.90 -25.65 -17.84
N GLY A 980 -29.65 -26.47 -18.58
CA GLY A 980 -29.47 -27.91 -18.59
C GLY A 980 -28.07 -28.36 -18.96
N LEU A 981 -27.52 -27.74 -20.01
CA LEU A 981 -26.17 -28.04 -20.50
C LEU A 981 -25.07 -27.76 -19.47
N ASP A 982 -25.15 -26.58 -18.86
CA ASP A 982 -24.20 -26.21 -17.82
C ASP A 982 -24.36 -27.11 -16.58
N GLU A 983 -25.59 -27.34 -16.16
CA GLU A 983 -25.85 -28.21 -15.03
C GLU A 983 -25.28 -29.60 -15.25
N ILE A 984 -25.33 -30.07 -16.49
CA ILE A 984 -24.69 -31.33 -16.87
C ILE A 984 -23.17 -31.20 -16.78
N LEU A 985 -22.65 -30.12 -17.35
CA LEU A 985 -21.20 -29.91 -17.36
C LEU A 985 -20.63 -29.74 -15.95
N LYS A 986 -21.39 -29.07 -15.08
CA LYS A 986 -21.00 -28.88 -13.69
C LYS A 986 -21.00 -30.21 -12.96
N PHE A 987 -21.99 -31.03 -13.25
CA PHE A 987 -22.08 -32.39 -12.74
C PHE A 987 -20.82 -33.20 -13.07
N ILE A 988 -20.35 -33.10 -14.31
CA ILE A 988 -19.21 -33.87 -14.78
C ILE A 988 -17.91 -33.49 -14.05
N ALA A 989 -17.76 -32.21 -13.77
CA ALA A 989 -16.59 -31.70 -13.05
C ALA A 989 -16.61 -32.06 -11.55
N ARG A 990 -17.79 -31.90 -10.94
CA ARG A 990 -18.01 -32.22 -9.52
C ARG A 990 -17.92 -33.70 -9.18
N ASN A 991 -17.81 -34.58 -10.19
CA ASN A 991 -17.83 -36.02 -9.93
C ASN A 991 -16.72 -36.86 -10.54
N TYR A 992 -16.38 -36.61 -11.82
CA TYR A 992 -15.32 -37.39 -12.48
C TYR A 992 -14.00 -36.64 -12.54
N LEU A 993 -13.87 -35.69 -11.63
CA LEU A 993 -12.61 -35.04 -11.34
C LEU A 993 -12.51 -34.77 -9.82
N GLU A 994 -12.96 -35.74 -9.03
CA GLU A 994 -12.99 -35.65 -7.56
C GLU A 994 -11.76 -36.20 -6.82
N GLY A 995 -10.58 -35.65 -7.14
CA GLY A 995 -9.32 -36.05 -6.50
C GLY A 995 -8.48 -34.86 -6.03
#